data_5ZE7
#
_entry.id   5ZE7
#
_cell.length_a   171.350
_cell.length_b   77.992
_cell.length_c   53.770
_cell.angle_alpha   90.00
_cell.angle_beta   90.27
_cell.angle_gamma   90.00
#
_symmetry.space_group_name_H-M   'C 1 2 1'
#
loop_
_entity.id
_entity.type
_entity.pdbx_description
1 polymer 'UDP-glucose:tetrahydrobiopterin glucosyltransferase'
2 water water
#
_entity_poly.entity_id   1
_entity_poly.type   'polypeptide(L)'
_entity_poly.pdbx_seq_one_letter_code
;TAHRFLFVSTPVGPLGSGRGGGVELTLPNLAKALTQRGHQVSVLAPAGSVLPDLPLETVPGTWQSTAQSHGRATPAEIPA
ESVLARLWDRAHQQQADFDLILNFAYDWLPLYLTPFFKTPVAHLIS(MSE)GSLSEV(MSE)DQAIATSLDRYPGSIAVH
SLAQAATFPFGDRCLCIGNALDLAAYGFNPEPEPVLGWVGRIAPEKGLEDAIQAAQQAGLPLRVWGALTEPDYWQRLQQQ
FGDRAVSYQGFVSTDELQRGLGRCQGLL(MSE)TPKWVEAFGNVAIEALACGLPVIAYARGGPLEIIEQGKSGWLVEPDQ
QAALVNAIGQLSSLDRAYCRAQAEARFSLAA(MSE)GQRLEAWLLPLLS
;
_entity_poly.pdbx_strand_id   B,A
#
# COMPACT_ATOMS: atom_id res chain seq x y z
N THR A 1 -24.52 14.30 25.35
CA THR A 1 -23.89 13.35 26.25
C THR A 1 -23.17 12.27 25.43
N ALA A 2 -22.06 11.77 26.00
CA ALA A 2 -21.24 10.75 25.37
C ALA A 2 -21.78 9.36 25.67
N HIS A 3 -21.66 8.47 24.68
CA HIS A 3 -22.15 7.11 24.84
C HIS A 3 -21.11 6.12 24.34
N ARG A 4 -21.40 4.84 24.61
CA ARG A 4 -20.51 3.74 24.28
C ARG A 4 -21.16 2.87 23.21
N PHE A 5 -20.45 2.67 22.11
CA PHE A 5 -20.97 1.93 20.99
C PHE A 5 -20.08 0.73 20.72
N LEU A 6 -20.71 -0.36 20.31
CA LEU A 6 -20.03 -1.53 19.78
C LEU A 6 -20.39 -1.64 18.30
N PHE A 7 -19.38 -1.58 17.44
CA PHE A 7 -19.58 -1.82 16.00
C PHE A 7 -19.25 -3.27 15.72
N VAL A 8 -20.18 -4.01 15.10
CA VAL A 8 -19.93 -5.39 14.69
C VAL A 8 -19.78 -5.38 13.18
N SER A 9 -18.59 -5.74 12.70
CA SER A 9 -18.22 -5.52 11.31
C SER A 9 -18.83 -6.58 10.39
N THR A 10 -18.53 -6.47 9.09
CA THR A 10 -19.03 -7.45 8.13
C THR A 10 -18.32 -8.79 8.32
N PRO A 11 -19.02 -9.91 8.09
CA PRO A 11 -18.37 -11.22 8.10
C PRO A 11 -17.69 -11.61 6.79
N VAL A 12 -17.80 -10.81 5.73
CA VAL A 12 -17.29 -11.26 4.42
C VAL A 12 -15.76 -11.25 4.37
N GLY A 13 -15.11 -10.36 5.10
CA GLY A 13 -13.67 -10.43 5.20
C GLY A 13 -13.12 -9.48 6.24
N PRO A 14 -11.82 -9.58 6.50
CA PRO A 14 -11.23 -8.78 7.58
C PRO A 14 -11.16 -7.31 7.22
N LEU A 15 -11.22 -6.46 8.25
CA LEU A 15 -10.99 -5.04 8.05
C LEU A 15 -9.54 -4.82 7.62
N GLY A 16 -9.34 -3.91 6.67
CA GLY A 16 -8.01 -3.63 6.16
C GLY A 16 -7.40 -4.71 5.28
N SER A 17 -8.19 -5.65 4.79
CA SER A 17 -7.66 -6.72 3.96
C SER A 17 -7.87 -6.50 2.48
N GLY A 18 -8.75 -5.57 2.10
CA GLY A 18 -9.23 -5.46 0.74
C GLY A 18 -10.35 -6.41 0.38
N ARG A 19 -10.62 -7.42 1.19
CA ARG A 19 -11.63 -8.43 0.89
C ARG A 19 -12.91 -8.28 1.70
N GLY A 20 -13.12 -7.15 2.37
CA GLY A 20 -14.31 -6.91 3.18
C GLY A 20 -15.38 -6.08 2.52
N GLY A 21 -15.23 -5.74 1.24
CA GLY A 21 -16.23 -4.92 0.57
C GLY A 21 -16.26 -3.48 1.08
N GLY A 22 -17.43 -2.85 0.90
CA GLY A 22 -17.56 -1.44 1.22
C GLY A 22 -17.51 -1.15 2.70
N VAL A 23 -17.86 -2.13 3.54
CA VAL A 23 -17.87 -1.90 4.98
C VAL A 23 -16.46 -1.62 5.48
N GLU A 24 -15.47 -2.21 4.82
CA GLU A 24 -14.08 -1.95 5.10
C GLU A 24 -13.76 -0.46 5.13
N LEU A 25 -14.45 0.35 4.34
CA LEU A 25 -14.19 1.78 4.35
C LEU A 25 -15.16 2.52 5.26
N THR A 26 -16.45 2.15 5.23
CA THR A 26 -17.45 2.89 5.99
C THR A 26 -17.25 2.74 7.50
N LEU A 27 -16.95 1.52 7.97
CA LEU A 27 -16.91 1.32 9.43
C LEU A 27 -15.86 2.21 10.09
N PRO A 28 -14.60 2.27 9.63
CA PRO A 28 -13.65 3.20 10.28
C PRO A 28 -14.07 4.65 10.20
N ASN A 29 -14.68 5.08 9.10
CA ASN A 29 -15.10 6.47 9.01
C ASN A 29 -16.25 6.77 9.97
N LEU A 30 -17.27 5.91 9.99
CA LEU A 30 -18.38 6.17 10.91
C LEU A 30 -17.93 6.06 12.37
N ALA A 31 -16.98 5.17 12.67
CA ALA A 31 -16.41 5.13 14.02
C ALA A 31 -15.74 6.44 14.36
N LYS A 32 -14.91 6.95 13.45
CA LYS A 32 -14.22 8.22 13.67
C LYS A 32 -15.22 9.36 13.77
N ALA A 33 -16.30 9.30 12.99
CA ALA A 33 -17.32 10.33 13.06
C ALA A 33 -17.92 10.41 14.46
N LEU A 34 -18.06 9.28 15.14
CA LEU A 34 -18.58 9.31 16.51
C LEU A 34 -17.50 9.65 17.53
N THR A 35 -16.29 9.07 17.43
CA THR A 35 -15.27 9.37 18.42
C THR A 35 -14.82 10.82 18.36
N GLN A 36 -14.94 11.47 17.18
CA GLN A 36 -14.64 12.90 17.13
C GLN A 36 -15.70 13.76 17.83
N ARG A 37 -16.81 13.17 18.29
CA ARG A 37 -17.76 13.86 19.14
C ARG A 37 -17.64 13.45 20.59
N GLY A 38 -16.64 12.65 20.96
CA GLY A 38 -16.48 12.24 22.34
C GLY A 38 -17.11 10.91 22.70
N HIS A 39 -17.75 10.23 21.76
CA HIS A 39 -18.28 8.90 22.04
C HIS A 39 -17.14 7.88 22.07
N GLN A 40 -17.38 6.74 22.72
CA GLN A 40 -16.47 5.62 22.62
C GLN A 40 -17.03 4.57 21.67
N VAL A 41 -16.15 4.02 20.84
CA VAL A 41 -16.52 3.02 19.85
C VAL A 41 -15.49 1.90 19.96
N SER A 42 -15.99 0.67 20.12
CA SER A 42 -15.19 -0.54 20.06
C SER A 42 -15.68 -1.36 18.89
N VAL A 43 -14.80 -2.19 18.35
CA VAL A 43 -15.10 -2.91 17.12
C VAL A 43 -14.86 -4.41 17.32
N LEU A 44 -15.80 -5.21 16.84
CA LEU A 44 -15.68 -6.66 16.71
C LEU A 44 -15.62 -7.00 15.23
N ALA A 45 -14.61 -7.75 14.81
CA ALA A 45 -14.39 -7.99 13.39
C ALA A 45 -13.69 -9.33 13.23
N PRO A 46 -13.63 -9.85 12.00
CA PRO A 46 -13.00 -11.16 11.79
C PRO A 46 -11.51 -11.13 12.05
N ALA A 47 -10.98 -12.34 12.32
CA ALA A 47 -9.54 -12.54 12.48
C ALA A 47 -8.78 -11.97 11.30
N GLY A 48 -7.59 -11.44 11.57
CA GLY A 48 -6.82 -10.75 10.56
C GLY A 48 -7.15 -9.28 10.42
N SER A 49 -8.23 -8.80 11.03
CA SER A 49 -8.59 -7.40 10.85
C SER A 49 -7.55 -6.48 11.45
N VAL A 50 -7.44 -5.28 10.87
CA VAL A 50 -6.50 -4.25 11.28
C VAL A 50 -7.25 -2.93 11.32
N LEU A 51 -7.14 -2.22 12.42
CA LEU A 51 -7.96 -1.03 12.58
C LEU A 51 -7.27 -0.13 13.57
N PRO A 52 -6.58 0.91 13.12
CA PRO A 52 -5.79 1.73 14.03
C PRO A 52 -6.67 2.58 14.94
N ASP A 53 -6.20 2.75 16.17
CA ASP A 53 -6.64 3.71 17.17
C ASP A 53 -7.95 3.33 17.85
N LEU A 54 -8.59 2.23 17.48
CA LEU A 54 -9.83 1.90 18.12
C LEU A 54 -9.69 0.58 18.85
N PRO A 55 -10.37 0.40 19.99
CA PRO A 55 -10.44 -0.94 20.58
C PRO A 55 -10.97 -1.93 19.55
N LEU A 56 -10.21 -3.01 19.34
CA LEU A 56 -10.55 -4.01 18.33
C LEU A 56 -10.38 -5.39 18.93
N GLU A 57 -11.42 -6.20 18.82
CA GLU A 57 -11.37 -7.61 19.17
C GLU A 57 -11.70 -8.41 17.92
N THR A 58 -10.93 -9.45 17.66
CA THR A 58 -11.15 -10.26 16.47
C THR A 58 -11.63 -11.66 16.84
N VAL A 59 -12.28 -12.28 15.86
CA VAL A 59 -13.06 -13.50 16.05
C VAL A 59 -12.69 -14.48 14.94
N PRO A 60 -12.29 -15.72 15.25
CA PRO A 60 -11.91 -16.66 14.20
C PRO A 60 -13.13 -17.21 13.47
N GLY A 61 -12.90 -17.72 12.27
CA GLY A 61 -13.96 -18.46 11.62
C GLY A 61 -14.09 -18.22 10.13
N THR A 62 -14.98 -19.00 9.51
CA THR A 62 -15.22 -18.97 8.07
C THR A 62 -15.99 -17.72 7.66
N TRP A 63 -15.47 -17.01 6.65
CA TRP A 63 -16.09 -15.81 6.13
C TRP A 63 -17.43 -16.14 5.50
N GLN A 64 -18.32 -15.15 5.49
CA GLN A 64 -19.63 -15.32 4.88
C GLN A 64 -19.48 -15.14 3.37
N SER A 65 -19.97 -16.10 2.61
CA SER A 65 -19.94 -15.94 1.16
C SER A 65 -20.92 -14.85 0.75
N THR A 66 -20.58 -14.15 -0.32
CA THR A 66 -21.50 -13.20 -0.92
C THR A 66 -22.36 -13.80 -2.04
N ALA A 67 -22.12 -15.06 -2.42
CA ALA A 67 -22.79 -15.66 -3.57
C ALA A 67 -24.14 -16.28 -3.20
N GLN A 68 -25.11 -16.15 -4.10
CA GLN A 68 -26.42 -16.76 -3.95
C GLN A 68 -26.52 -18.00 -4.82
N SER A 69 -27.02 -19.11 -4.25
CA SER A 69 -27.07 -20.35 -5.03
C SER A 69 -28.30 -20.45 -5.92
N HIS A 70 -29.43 -19.84 -5.55
CA HIS A 70 -30.56 -19.74 -6.48
C HIS A 70 -31.33 -18.43 -6.27
N GLY A 71 -30.65 -17.30 -6.44
CA GLY A 71 -31.33 -16.01 -6.53
C GLY A 71 -32.09 -15.62 -5.28
N ARG A 72 -33.21 -14.94 -5.50
CA ARG A 72 -33.93 -14.34 -4.38
C ARG A 72 -34.50 -15.37 -3.41
N ALA A 73 -34.61 -16.63 -3.83
CA ALA A 73 -35.09 -17.68 -2.95
C ALA A 73 -33.97 -18.35 -2.16
N THR A 74 -32.74 -17.87 -2.28
CA THR A 74 -31.65 -18.50 -1.52
C THR A 74 -31.91 -18.36 -0.04
N PRO A 75 -31.85 -19.44 0.72
CA PRO A 75 -31.96 -19.32 2.18
C PRO A 75 -30.76 -18.60 2.77
N ALA A 76 -30.94 -18.15 4.01
CA ALA A 76 -29.79 -17.70 4.78
C ALA A 76 -28.95 -18.93 5.11
N GLU A 77 -27.64 -18.77 5.12
CA GLU A 77 -26.80 -19.94 5.33
C GLU A 77 -25.76 -19.67 6.41
N ILE A 78 -25.60 -20.64 7.28
CA ILE A 78 -24.60 -20.58 8.34
C ILE A 78 -23.66 -21.76 8.14
N PRO A 79 -22.44 -21.54 7.68
CA PRO A 79 -21.47 -22.63 7.57
C PRO A 79 -20.88 -23.01 8.92
N ALA A 80 -20.29 -24.18 8.96
CA ALA A 80 -19.50 -24.58 10.12
C ALA A 80 -18.45 -23.51 10.39
N GLU A 81 -18.24 -23.21 11.66
CA GLU A 81 -17.22 -22.24 12.09
C GLU A 81 -17.54 -20.83 11.59
N SER A 82 -18.82 -20.55 11.34
CA SER A 82 -19.28 -19.24 10.87
C SER A 82 -18.71 -18.12 11.71
N VAL A 83 -17.97 -17.21 11.06
CA VAL A 83 -17.48 -16.05 11.80
C VAL A 83 -18.65 -15.12 12.14
N LEU A 84 -19.68 -15.07 11.30
CA LEU A 84 -20.83 -14.23 11.62
C LEU A 84 -21.52 -14.69 12.90
N ALA A 85 -21.77 -16.00 13.03
CA ALA A 85 -22.38 -16.54 14.25
C ALA A 85 -21.52 -16.26 15.47
N ARG A 86 -20.19 -16.36 15.32
CA ARG A 86 -19.30 -16.17 16.46
C ARG A 86 -19.22 -14.71 16.85
N LEU A 87 -19.20 -13.81 15.87
CA LEU A 87 -19.25 -12.37 16.15
C LEU A 87 -20.47 -12.03 17.00
N TRP A 88 -21.65 -12.55 16.65
CA TRP A 88 -22.87 -12.14 17.35
C TRP A 88 -23.00 -12.85 18.70
N ASP A 89 -22.41 -14.04 18.84
CA ASP A 89 -22.32 -14.65 20.15
C ASP A 89 -21.44 -13.83 21.09
N ARG A 90 -20.30 -13.38 20.59
CA ARG A 90 -19.40 -12.57 21.41
C ARG A 90 -19.99 -11.20 21.73
N ALA A 91 -20.66 -10.56 20.76
CA ALA A 91 -21.33 -9.30 21.06
C ALA A 91 -22.40 -9.48 22.13
N HIS A 92 -23.12 -10.59 22.09
CA HIS A 92 -24.13 -10.86 23.11
C HIS A 92 -23.52 -10.97 24.50
N GLN A 93 -22.39 -11.67 24.61
CA GLN A 93 -21.72 -11.80 25.90
C GLN A 93 -21.42 -10.44 26.51
N GLN A 94 -20.96 -9.50 25.70
CA GLN A 94 -20.50 -8.22 26.22
C GLN A 94 -21.51 -7.08 26.02
N GLN A 95 -22.79 -7.40 25.75
CA GLN A 95 -23.76 -6.38 25.38
C GLN A 95 -23.95 -5.32 26.46
N ALA A 96 -23.77 -5.68 27.73
CA ALA A 96 -24.06 -4.73 28.81
C ALA A 96 -22.98 -3.67 28.98
N ASP A 97 -21.83 -3.82 28.33
CA ASP A 97 -20.78 -2.81 28.37
C ASP A 97 -21.05 -1.64 27.42
N PHE A 98 -22.16 -1.64 26.69
CA PHE A 98 -22.39 -0.68 25.62
C PHE A 98 -23.83 -0.17 25.67
N ASP A 99 -24.01 1.09 25.25
CA ASP A 99 -25.37 1.63 25.16
C ASP A 99 -26.07 1.20 23.88
N LEU A 100 -25.32 0.88 22.83
CA LEU A 100 -25.92 0.49 21.56
C LEU A 100 -24.92 -0.30 20.74
N ILE A 101 -25.44 -1.27 20.00
CA ILE A 101 -24.64 -2.10 19.10
C ILE A 101 -25.06 -1.77 17.68
N LEU A 102 -24.09 -1.49 16.82
CA LEU A 102 -24.35 -1.15 15.43
C LEU A 102 -23.87 -2.29 14.54
N ASN A 103 -24.80 -2.89 13.80
CA ASN A 103 -24.51 -4.00 12.91
C ASN A 103 -24.24 -3.48 11.50
N PHE A 104 -23.13 -3.93 10.92
CA PHE A 104 -22.76 -3.61 9.55
C PHE A 104 -22.99 -4.78 8.58
N ALA A 105 -23.36 -5.96 9.06
CA ALA A 105 -23.48 -7.14 8.21
C ALA A 105 -24.82 -7.18 7.47
N TYR A 106 -24.78 -7.50 6.17
CA TYR A 106 -26.01 -7.70 5.38
C TYR A 106 -26.44 -9.17 5.48
N ASP A 107 -27.02 -9.51 6.63
CA ASP A 107 -27.31 -10.91 6.88
C ASP A 107 -28.56 -11.05 7.74
N TRP A 108 -29.17 -12.22 7.61
CA TRP A 108 -30.39 -12.52 8.35
C TRP A 108 -30.13 -12.57 9.85
N LEU A 109 -29.00 -13.13 10.26
CA LEU A 109 -28.85 -13.51 11.67
C LEU A 109 -28.88 -12.31 12.62
N PRO A 110 -28.15 -11.22 12.39
CA PRO A 110 -28.22 -10.10 13.35
C PRO A 110 -29.61 -9.49 13.48
N LEU A 111 -30.39 -9.46 12.40
CA LEU A 111 -31.75 -8.91 12.52
C LEU A 111 -32.62 -9.83 13.36
N TYR A 112 -32.53 -11.13 13.09
CA TYR A 112 -33.27 -12.12 13.85
C TYR A 112 -32.96 -12.04 15.34
N LEU A 113 -31.69 -11.82 15.68
CA LEU A 113 -31.25 -11.81 17.07
C LEU A 113 -31.63 -10.54 17.80
N THR A 114 -32.08 -9.50 17.09
CA THR A 114 -32.26 -8.20 17.74
C THR A 114 -33.13 -8.28 19.00
N PRO A 115 -34.30 -8.96 19.00
CA PRO A 115 -35.09 -9.05 20.25
C PRO A 115 -34.45 -9.90 21.34
N PHE A 116 -33.43 -10.71 21.02
CA PHE A 116 -32.72 -11.50 22.02
C PHE A 116 -31.65 -10.69 22.75
N PHE A 117 -31.38 -9.46 22.31
CA PHE A 117 -30.47 -8.55 23.01
C PHE A 117 -31.27 -7.64 23.91
N LYS A 118 -30.70 -7.33 25.09
CA LYS A 118 -31.23 -6.26 25.92
C LYS A 118 -30.74 -4.91 25.44
N THR A 119 -29.45 -4.81 25.12
CA THR A 119 -28.92 -3.60 24.52
C THR A 119 -29.57 -3.38 23.15
N PRO A 120 -29.94 -2.14 22.81
CA PRO A 120 -30.48 -1.86 21.48
C PRO A 120 -29.49 -2.23 20.37
N VAL A 121 -30.02 -2.76 19.27
CA VAL A 121 -29.22 -3.09 18.10
C VAL A 121 -29.76 -2.29 16.91
N ALA A 122 -28.88 -1.52 16.26
CA ALA A 122 -29.24 -0.80 15.04
C ALA A 122 -28.55 -1.47 13.86
N HIS A 123 -29.11 -1.28 12.66
CA HIS A 123 -28.61 -1.96 11.47
C HIS A 123 -28.38 -0.98 10.32
N LEU A 124 -27.14 -0.91 9.86
CA LEU A 124 -26.75 -0.13 8.68
C LEU A 124 -26.76 -1.08 7.49
N ILE A 125 -27.76 -0.92 6.62
CA ILE A 125 -27.96 -1.78 5.47
C ILE A 125 -27.20 -1.16 4.30
N SER A 126 -26.21 -1.88 3.81
CA SER A 126 -25.23 -1.34 2.88
C SER A 126 -25.49 -1.75 1.45
N MSE A 127 -26.56 -2.48 1.19
CA MSE A 127 -26.87 -2.92 -0.16
C MSE A 127 -28.36 -2.93 -0.40
O MSE A 127 -29.14 -2.75 0.52
CB MSE A 127 -26.26 -4.28 -0.40
CG MSE A 127 -24.78 -4.16 -0.62
SE MSE A 127 -24.01 -5.79 -1.16
CE MSE A 127 -25.02 -6.93 0.06
N GLY A 128 -28.74 -3.12 -1.67
CA GLY A 128 -30.14 -3.18 -2.05
C GLY A 128 -30.72 -4.57 -1.82
N SER A 129 -31.99 -4.71 -2.19
CA SER A 129 -32.70 -5.97 -1.97
C SER A 129 -32.10 -7.08 -2.82
N LEU A 130 -31.88 -8.24 -2.20
CA LEU A 130 -31.30 -9.39 -2.87
C LEU A 130 -32.03 -10.70 -2.60
N SER A 131 -32.76 -10.84 -1.49
CA SER A 131 -33.39 -12.10 -1.16
C SER A 131 -34.69 -11.88 -0.39
N GLU A 132 -35.59 -12.87 -0.49
CA GLU A 132 -36.81 -12.84 0.31
C GLU A 132 -36.50 -12.92 1.79
N VAL A 133 -35.56 -13.79 2.18
CA VAL A 133 -35.29 -14.02 3.59
C VAL A 133 -34.74 -12.75 4.23
N MSE A 134 -33.94 -11.99 3.49
CA MSE A 134 -33.35 -10.77 4.02
C MSE A 134 -34.36 -9.62 4.01
O MSE A 134 -34.46 -8.89 4.99
CB MSE A 134 -32.10 -10.39 3.23
CG MSE A 134 -31.40 -9.20 3.80
SE MSE A 134 -30.57 -9.63 5.53
CE MSE A 134 -29.87 -7.85 5.91
N ASP A 135 -35.10 -9.47 2.91
CA ASP A 135 -36.18 -8.49 2.88
C ASP A 135 -37.10 -8.65 4.07
N GLN A 136 -37.52 -9.88 4.35
CA GLN A 136 -38.49 -10.10 5.41
C GLN A 136 -37.88 -9.90 6.78
N ALA A 137 -36.61 -10.25 6.96
CA ALA A 137 -35.95 -9.99 8.23
C ALA A 137 -35.85 -8.50 8.50
N ILE A 138 -35.53 -7.71 7.47
CA ILE A 138 -35.47 -6.27 7.66
C ILE A 138 -36.86 -5.71 7.95
N ALA A 139 -37.87 -6.12 7.17
CA ALA A 139 -39.22 -5.60 7.38
C ALA A 139 -39.73 -5.93 8.78
N THR A 140 -39.48 -7.15 9.26
CA THR A 140 -39.86 -7.50 10.62
C THR A 140 -39.14 -6.63 11.65
N SER A 141 -37.87 -6.34 11.43
CA SER A 141 -37.17 -5.48 12.39
C SER A 141 -37.73 -4.06 12.38
N LEU A 142 -38.10 -3.56 11.20
CA LEU A 142 -38.72 -2.24 11.11
C LEU A 142 -40.03 -2.20 11.86
N ASP A 143 -40.88 -3.23 11.68
CA ASP A 143 -42.15 -3.30 12.39
C ASP A 143 -41.94 -3.29 13.90
N ARG A 144 -41.01 -4.10 14.39
CA ARG A 144 -40.79 -4.17 15.84
C ARG A 144 -40.04 -2.97 16.39
N TYR A 145 -39.16 -2.38 15.59
CA TYR A 145 -38.24 -1.34 16.07
C TYR A 145 -38.20 -0.24 15.03
N PRO A 146 -39.19 0.67 15.04
CA PRO A 146 -39.17 1.73 14.03
C PRO A 146 -37.93 2.59 14.21
N GLY A 147 -37.34 3.00 13.08
CA GLY A 147 -36.20 3.87 13.12
C GLY A 147 -34.87 3.17 13.29
N SER A 148 -34.86 1.83 13.34
CA SER A 148 -33.64 1.09 13.65
C SER A 148 -32.81 0.73 12.42
N ILE A 149 -33.26 1.08 11.22
CA ILE A 149 -32.61 0.67 9.98
C ILE A 149 -32.14 1.92 9.22
N ALA A 150 -30.89 1.92 8.81
CA ALA A 150 -30.39 3.02 7.98
C ALA A 150 -29.80 2.44 6.71
N VAL A 151 -29.69 3.32 5.69
CA VAL A 151 -29.09 2.97 4.41
C VAL A 151 -28.16 4.09 4.00
N HIS A 152 -27.32 3.80 3.01
CA HIS A 152 -26.37 4.79 2.51
C HIS A 152 -26.94 5.65 1.38
N SER A 153 -27.92 5.17 0.62
CA SER A 153 -28.39 5.90 -0.54
C SER A 153 -29.86 5.62 -0.76
N LEU A 154 -30.55 6.62 -1.32
CA LEU A 154 -31.99 6.50 -1.52
C LEU A 154 -32.29 5.50 -2.62
N ALA A 155 -31.36 5.34 -3.55
CA ALA A 155 -31.48 4.30 -4.57
C ALA A 155 -31.58 2.91 -3.92
N GLN A 156 -30.62 2.59 -3.03
CA GLN A 156 -30.68 1.34 -2.27
C GLN A 156 -32.05 1.16 -1.62
N ALA A 157 -32.48 2.18 -0.88
CA ALA A 157 -33.71 2.11 -0.10
C ALA A 157 -34.91 1.74 -0.97
N ALA A 158 -34.95 2.23 -2.20
CA ALA A 158 -36.11 2.03 -3.05
C ALA A 158 -36.16 0.64 -3.68
N THR A 159 -35.06 -0.11 -3.66
CA THR A 159 -35.13 -1.53 -4.01
C THR A 159 -35.95 -2.31 -2.99
N PHE A 160 -36.32 -1.71 -1.84
CA PHE A 160 -37.07 -2.34 -0.78
C PHE A 160 -38.48 -1.77 -0.72
N PRO A 161 -39.48 -2.61 -0.44
CA PRO A 161 -40.86 -2.09 -0.32
C PRO A 161 -41.03 -1.14 0.84
N PHE A 162 -40.23 -1.31 1.89
CA PHE A 162 -40.27 -0.52 3.11
C PHE A 162 -39.23 0.59 3.11
N GLY A 163 -38.63 0.86 1.94
CA GLY A 163 -37.53 1.79 1.87
C GLY A 163 -37.84 3.14 2.49
N ASP A 164 -39.10 3.55 2.43
CA ASP A 164 -39.44 4.85 2.97
C ASP A 164 -39.42 4.87 4.49
N ARG A 165 -39.36 3.72 5.15
CA ARG A 165 -39.23 3.67 6.59
C ARG A 165 -37.79 3.48 7.04
N CYS A 166 -36.86 3.43 6.11
CA CYS A 166 -35.44 3.45 6.41
C CYS A 166 -34.92 4.88 6.44
N LEU A 167 -33.91 5.10 7.27
CA LEU A 167 -33.25 6.40 7.35
C LEU A 167 -32.03 6.41 6.43
N CYS A 168 -31.85 7.47 5.65
CA CYS A 168 -30.67 7.58 4.81
C CYS A 168 -29.64 8.43 5.52
N ILE A 169 -28.45 7.86 5.76
CA ILE A 169 -27.38 8.60 6.40
C ILE A 169 -26.30 9.01 5.41
N GLY A 170 -26.54 8.83 4.11
CA GLY A 170 -25.58 9.22 3.12
C GLY A 170 -24.23 8.55 3.27
N ASN A 171 -23.20 9.25 2.81
CA ASN A 171 -21.84 8.74 2.76
C ASN A 171 -20.89 9.78 3.34
N ALA A 172 -19.74 9.31 3.80
CA ALA A 172 -18.70 10.19 4.30
C ALA A 172 -17.33 9.59 4.02
N LEU A 173 -16.32 10.44 4.02
CA LEU A 173 -14.97 9.95 4.18
C LEU A 173 -14.19 10.92 5.03
N ASP A 174 -12.95 10.54 5.28
CA ASP A 174 -12.05 11.23 6.19
C ASP A 174 -11.37 12.34 5.39
N LEU A 175 -12.10 13.45 5.24
CA LEU A 175 -11.64 14.56 4.41
C LEU A 175 -10.31 15.14 4.87
N ALA A 176 -9.95 14.98 6.14
CA ALA A 176 -8.63 15.42 6.58
C ALA A 176 -7.52 14.70 5.83
N ALA A 177 -7.78 13.51 5.30
CA ALA A 177 -6.75 12.79 4.55
C ALA A 177 -6.64 13.24 3.10
N TYR A 178 -7.48 14.17 2.65
CA TYR A 178 -7.55 14.57 1.25
C TYR A 178 -7.20 16.03 1.11
N GLY A 179 -6.21 16.33 0.28
CA GLY A 179 -5.80 17.70 0.04
C GLY A 179 -6.51 18.30 -1.16
N PHE A 180 -7.09 19.48 -0.96
CA PHE A 180 -7.66 20.24 -2.05
C PHE A 180 -6.55 20.75 -2.98
N ASN A 181 -6.66 20.44 -4.27
CA ASN A 181 -5.72 20.90 -5.29
C ASN A 181 -6.41 21.86 -6.25
N PRO A 182 -6.18 23.17 -6.16
CA PRO A 182 -6.86 24.11 -7.07
C PRO A 182 -6.26 24.22 -8.46
N GLU A 183 -5.07 23.66 -8.69
CA GLU A 183 -4.38 23.84 -9.96
C GLU A 183 -3.91 22.50 -10.51
N PRO A 184 -4.75 21.84 -11.32
CA PRO A 184 -4.39 20.53 -11.84
C PRO A 184 -3.53 20.61 -13.09
N GLU A 185 -2.89 19.48 -13.40
CA GLU A 185 -2.26 19.30 -14.69
C GLU A 185 -3.33 19.03 -15.74
N PRO A 186 -3.01 19.22 -17.02
CA PRO A 186 -4.01 18.97 -18.07
C PRO A 186 -4.15 17.49 -18.38
N VAL A 187 -4.62 16.73 -17.38
CA VAL A 187 -4.78 15.29 -17.51
C VAL A 187 -6.14 14.89 -16.91
N LEU A 188 -6.59 13.68 -17.25
CA LEU A 188 -7.79 13.09 -16.70
C LEU A 188 -7.40 11.89 -15.85
N GLY A 189 -8.26 11.55 -14.91
CA GLY A 189 -8.04 10.38 -14.08
C GLY A 189 -9.14 9.35 -14.20
N TRP A 190 -8.84 8.13 -13.78
CA TRP A 190 -9.78 7.01 -13.82
C TRP A 190 -9.32 6.05 -12.75
N VAL A 191 -10.24 5.59 -11.91
CA VAL A 191 -9.89 4.79 -10.75
C VAL A 191 -10.69 3.50 -10.80
N GLY A 192 -9.99 2.38 -10.78
CA GLY A 192 -10.68 1.11 -10.79
C GLY A 192 -9.74 0.00 -11.19
N ARG A 193 -10.30 -1.21 -11.17
CA ARG A 193 -9.56 -2.40 -11.60
C ARG A 193 -9.18 -2.27 -13.06
N ILE A 194 -7.87 -2.36 -13.35
CA ILE A 194 -7.40 -2.28 -14.73
C ILE A 194 -7.62 -3.63 -15.39
N ALA A 195 -8.84 -3.86 -15.88
CA ALA A 195 -9.30 -5.17 -16.30
C ALA A 195 -10.41 -4.98 -17.33
N PRO A 196 -10.70 -6.01 -18.12
CA PRO A 196 -11.78 -5.90 -19.11
C PRO A 196 -13.13 -5.73 -18.44
N GLU A 197 -14.08 -5.20 -19.22
CA GLU A 197 -15.47 -5.04 -18.76
C GLU A 197 -15.56 -4.05 -17.59
N LYS A 198 -14.68 -3.06 -17.55
CA LYS A 198 -14.70 -2.04 -16.51
C LYS A 198 -14.99 -0.65 -17.07
N GLY A 199 -15.21 -0.55 -18.37
CA GLY A 199 -15.40 0.74 -19.02
C GLY A 199 -14.11 1.50 -19.26
N LEU A 200 -12.95 0.88 -19.02
CA LEU A 200 -11.68 1.59 -19.21
C LEU A 200 -11.48 2.01 -20.66
N GLU A 201 -11.88 1.18 -21.62
CA GLU A 201 -11.75 1.55 -23.04
C GLU A 201 -12.54 2.81 -23.34
N ASP A 202 -13.76 2.89 -22.82
CA ASP A 202 -14.59 4.09 -22.98
C ASP A 202 -13.84 5.32 -22.50
N ALA A 203 -13.24 5.23 -21.31
CA ALA A 203 -12.51 6.37 -20.74
C ALA A 203 -11.28 6.72 -21.56
N ILE A 204 -10.52 5.72 -22.03
CA ILE A 204 -9.31 5.99 -22.81
C ILE A 204 -9.69 6.69 -24.11
N GLN A 205 -10.68 6.14 -24.81
CA GLN A 205 -11.02 6.66 -26.13
C GLN A 205 -11.52 8.10 -26.03
N ALA A 206 -12.29 8.40 -24.98
CA ALA A 206 -12.81 9.77 -24.83
C ALA A 206 -11.71 10.74 -24.46
N ALA A 207 -10.83 10.37 -23.53
CA ALA A 207 -9.72 11.25 -23.18
C ALA A 207 -8.85 11.53 -24.41
N GLN A 208 -8.58 10.50 -25.20
CA GLN A 208 -7.80 10.63 -26.42
C GLN A 208 -8.49 11.57 -27.42
N GLN A 209 -9.78 11.31 -27.73
CA GLN A 209 -10.54 12.23 -28.58
C GLN A 209 -10.45 13.66 -28.07
N ALA A 210 -10.47 13.83 -26.74
CA ALA A 210 -10.40 15.16 -26.16
C ALA A 210 -8.97 15.70 -26.10
N GLY A 211 -7.97 14.89 -26.41
CA GLY A 211 -6.60 15.37 -26.38
C GLY A 211 -5.95 15.37 -25.02
N LEU A 212 -6.45 14.56 -24.09
CA LEU A 212 -5.89 14.60 -22.75
C LEU A 212 -5.38 13.23 -22.33
N PRO A 213 -4.18 13.15 -21.77
CA PRO A 213 -3.72 11.88 -21.24
C PRO A 213 -4.64 11.41 -20.13
N LEU A 214 -4.76 10.10 -19.99
CA LEU A 214 -5.55 9.49 -18.92
C LEU A 214 -4.60 8.80 -17.95
N ARG A 215 -4.62 9.24 -16.68
CA ARG A 215 -3.94 8.54 -15.60
C ARG A 215 -4.88 7.54 -14.94
N VAL A 216 -4.40 6.32 -14.68
CA VAL A 216 -5.23 5.28 -14.06
C VAL A 216 -4.60 4.80 -12.76
N TRP A 217 -5.45 4.56 -11.77
CA TRP A 217 -5.08 4.05 -10.45
C TRP A 217 -5.89 2.78 -10.22
N GLY A 218 -5.21 1.66 -9.98
CA GLY A 218 -5.90 0.42 -9.74
C GLY A 218 -5.00 -0.78 -10.01
N ALA A 219 -5.59 -1.96 -9.82
CA ALA A 219 -4.85 -3.22 -9.83
C ALA A 219 -4.83 -3.85 -11.21
N LEU A 220 -3.65 -4.29 -11.66
CA LEU A 220 -3.50 -5.00 -12.92
C LEU A 220 -3.38 -6.49 -12.63
N THR A 221 -4.28 -7.29 -13.22
CA THR A 221 -4.29 -8.74 -13.08
C THR A 221 -3.83 -9.45 -14.33
N GLU A 222 -4.13 -8.92 -15.51
CA GLU A 222 -3.78 -9.56 -16.78
C GLU A 222 -2.89 -8.65 -17.58
N PRO A 223 -1.57 -8.80 -17.47
CA PRO A 223 -0.66 -8.03 -18.32
C PRO A 223 -0.98 -8.08 -19.82
N ASP A 224 -1.52 -9.17 -20.37
CA ASP A 224 -1.86 -9.06 -21.79
C ASP A 224 -2.97 -8.04 -22.03
N TYR A 225 -3.87 -7.84 -21.06
CA TYR A 225 -4.88 -6.80 -21.24
C TYR A 225 -4.22 -5.44 -21.43
N TRP A 226 -3.18 -5.16 -20.64
CA TRP A 226 -2.43 -3.91 -20.78
C TRP A 226 -1.87 -3.78 -22.19
N GLN A 227 -1.30 -4.85 -22.75
CA GLN A 227 -0.79 -4.79 -24.11
C GLN A 227 -1.93 -4.61 -25.11
N ARG A 228 -3.07 -5.27 -24.86
CA ARG A 228 -4.21 -5.09 -25.75
C ARG A 228 -4.62 -3.62 -25.84
N LEU A 229 -4.55 -2.91 -24.71
CA LEU A 229 -4.88 -1.49 -24.71
C LEU A 229 -3.86 -0.69 -25.47
N GLN A 230 -2.57 -1.04 -25.34
CA GLN A 230 -1.52 -0.36 -26.11
C GLN A 230 -1.74 -0.56 -27.60
N GLN A 231 -2.12 -1.77 -27.99
CA GLN A 231 -2.31 -2.08 -29.40
C GLN A 231 -3.54 -1.38 -29.94
N GLN A 232 -4.62 -1.30 -29.15
CA GLN A 232 -5.82 -0.61 -29.62
C GLN A 232 -5.62 0.89 -29.70
N PHE A 233 -5.05 1.51 -28.66
CA PHE A 233 -5.13 2.95 -28.52
C PHE A 233 -3.79 3.66 -28.61
N GLY A 234 -2.69 2.94 -28.74
CA GLY A 234 -1.41 3.61 -28.78
C GLY A 234 -0.65 3.49 -27.47
N ASP A 235 0.66 3.68 -27.55
CA ASP A 235 1.53 3.35 -26.42
C ASP A 235 1.43 4.37 -25.30
N ARG A 236 1.01 5.59 -25.61
CA ARG A 236 0.58 6.48 -24.54
C ARG A 236 -0.87 6.17 -24.21
N ALA A 237 -1.72 7.20 -24.33
CA ALA A 237 -3.16 7.14 -24.11
C ALA A 237 -3.50 6.82 -22.65
N VAL A 238 -2.85 5.83 -22.06
CA VAL A 238 -3.11 5.45 -20.67
C VAL A 238 -1.79 5.33 -19.91
N SER A 239 -1.75 5.91 -18.72
CA SER A 239 -0.54 5.98 -17.90
C SER A 239 -0.84 5.39 -16.53
N TYR A 240 -0.06 4.38 -16.14
CA TYR A 240 -0.30 3.64 -14.90
C TYR A 240 0.22 4.44 -13.72
N GLN A 241 -0.64 4.69 -12.74
CA GLN A 241 -0.21 5.51 -11.62
C GLN A 241 0.06 4.73 -10.36
N GLY A 242 -0.43 3.50 -10.29
CA GLY A 242 -0.14 2.63 -9.18
C GLY A 242 -1.36 1.91 -8.67
N PHE A 243 -1.13 0.93 -7.81
CA PHE A 243 -2.12 0.42 -6.85
C PHE A 243 -1.57 0.90 -5.51
N VAL A 244 -2.13 2.00 -5.00
CA VAL A 244 -1.45 2.78 -3.97
C VAL A 244 -2.40 3.11 -2.84
N SER A 245 -1.79 3.44 -1.68
CA SER A 245 -2.48 3.83 -0.44
C SER A 245 -3.43 5.01 -0.64
N THR A 246 -4.32 5.23 0.34
CA THR A 246 -5.23 6.36 0.27
C THR A 246 -4.46 7.69 0.17
N ASP A 247 -3.42 7.88 1.00
CA ASP A 247 -2.69 9.14 0.92
C ASP A 247 -1.98 9.31 -0.41
N GLU A 248 -1.50 8.22 -1.01
CA GLU A 248 -0.88 8.38 -2.32
C GLU A 248 -1.91 8.66 -3.40
N LEU A 249 -3.04 7.95 -3.35
CA LEU A 249 -4.10 8.15 -4.33
C LEU A 249 -4.55 9.61 -4.35
N GLN A 250 -4.79 10.20 -3.18
CA GLN A 250 -5.31 11.56 -3.15
C GLN A 250 -4.29 12.56 -3.69
N ARG A 251 -2.98 12.33 -3.46
CA ARG A 251 -1.99 13.24 -3.99
C ARG A 251 -1.98 13.22 -5.52
N GLY A 252 -2.08 12.03 -6.12
CA GLY A 252 -2.11 11.93 -7.56
C GLY A 252 -3.44 12.30 -8.18
N LEU A 253 -4.55 11.85 -7.59
CA LEU A 253 -5.87 12.16 -8.13
C LEU A 253 -6.12 13.66 -8.18
N GLY A 254 -5.74 14.38 -7.12
CA GLY A 254 -5.90 15.82 -7.09
C GLY A 254 -5.29 16.58 -8.25
N ARG A 255 -4.32 15.96 -8.93
CA ARG A 255 -3.66 16.64 -10.03
C ARG A 255 -4.43 16.56 -11.33
N CYS A 256 -5.52 15.81 -11.37
CA CYS A 256 -6.32 15.69 -12.59
C CYS A 256 -7.30 16.85 -12.70
N GLN A 257 -7.61 17.22 -13.95
CA GLN A 257 -8.64 18.21 -14.26
C GLN A 257 -10.05 17.63 -14.12
N GLY A 258 -10.19 16.32 -14.27
CA GLY A 258 -11.46 15.64 -14.11
C GLY A 258 -11.20 14.18 -13.81
N LEU A 259 -12.18 13.55 -13.17
CA LEU A 259 -12.23 12.10 -13.00
C LEU A 259 -13.30 11.53 -13.93
N LEU A 260 -12.96 10.51 -14.72
CA LEU A 260 -13.96 9.83 -15.53
C LEU A 260 -14.41 8.57 -14.79
N MSE A 261 -15.72 8.39 -14.68
CA MSE A 261 -16.29 7.19 -14.05
C MSE A 261 -17.20 6.49 -15.03
O MSE A 261 -18.28 6.99 -15.36
CB MSE A 261 -17.06 7.52 -12.79
CG MSE A 261 -16.25 8.09 -11.66
SE MSE A 261 -17.36 8.21 -10.02
CE MSE A 261 -18.06 6.45 -9.88
N THR A 262 -16.75 5.33 -15.49
CA THR A 262 -17.48 4.59 -16.52
C THR A 262 -17.83 3.16 -16.08
N PRO A 263 -18.30 2.94 -14.86
CA PRO A 263 -18.52 1.56 -14.41
C PRO A 263 -19.80 0.97 -14.95
N LYS A 264 -19.83 -0.35 -15.03
CA LYS A 264 -21.09 -1.05 -15.22
C LYS A 264 -21.98 -0.81 -14.01
N TRP A 265 -23.29 -0.96 -14.21
CA TRP A 265 -24.24 -0.48 -13.21
C TRP A 265 -24.04 -1.17 -11.87
N VAL A 266 -23.69 -2.45 -11.89
CA VAL A 266 -23.51 -3.21 -10.68
C VAL A 266 -22.32 -2.72 -9.85
N GLU A 267 -21.41 -1.96 -10.45
CA GLU A 267 -20.29 -1.39 -9.72
C GLU A 267 -20.37 0.13 -9.61
N ALA A 268 -21.56 0.71 -9.85
CA ALA A 268 -21.75 2.16 -9.90
C ALA A 268 -22.21 2.71 -8.55
N PHE A 269 -21.41 2.46 -7.52
CA PHE A 269 -21.65 3.00 -6.18
C PHE A 269 -20.25 3.05 -5.57
N GLY A 270 -19.63 4.24 -5.48
CA GLY A 270 -20.18 5.58 -5.60
C GLY A 270 -19.16 6.47 -4.85
N ASN A 271 -18.31 5.82 -4.03
CA ASN A 271 -17.43 6.53 -3.09
C ASN A 271 -16.19 7.16 -3.73
N VAL A 272 -15.70 6.63 -4.86
CA VAL A 272 -14.56 7.25 -5.53
C VAL A 272 -14.90 8.67 -5.98
N ALA A 273 -16.15 8.93 -6.33
CA ALA A 273 -16.55 10.28 -6.68
C ALA A 273 -16.35 11.23 -5.51
N ILE A 274 -16.67 10.79 -4.29
CA ILE A 274 -16.45 11.64 -3.13
C ILE A 274 -14.96 11.94 -2.95
N GLU A 275 -14.11 10.93 -3.16
CA GLU A 275 -12.67 11.17 -3.06
C GLU A 275 -12.22 12.22 -4.07
N ALA A 276 -12.73 12.14 -5.30
CA ALA A 276 -12.41 13.16 -6.30
C ALA A 276 -12.85 14.55 -5.83
N LEU A 277 -14.12 14.69 -5.39
CA LEU A 277 -14.61 15.99 -4.93
C LEU A 277 -13.74 16.53 -3.80
N ALA A 278 -13.32 15.67 -2.88
CA ALA A 278 -12.52 16.12 -1.74
C ALA A 278 -11.18 16.69 -2.17
N CYS A 279 -10.67 16.30 -3.33
CA CYS A 279 -9.44 16.85 -3.88
C CYS A 279 -9.67 18.08 -4.76
N GLY A 280 -10.91 18.53 -4.92
CA GLY A 280 -11.24 19.58 -5.86
C GLY A 280 -11.42 19.12 -7.30
N LEU A 281 -11.60 17.82 -7.52
CA LEU A 281 -11.65 17.23 -8.86
CA LEU A 281 -11.64 17.26 -8.86
C LEU A 281 -13.08 17.04 -9.29
N PRO A 282 -13.57 17.72 -10.33
CA PRO A 282 -14.93 17.45 -10.79
C PRO A 282 -15.02 16.05 -11.38
N VAL A 283 -16.23 15.49 -11.36
CA VAL A 283 -16.44 14.10 -11.74
C VAL A 283 -17.32 14.04 -12.97
N ILE A 284 -16.87 13.33 -13.99
CA ILE A 284 -17.71 12.99 -15.14
C ILE A 284 -18.07 11.52 -14.99
N ALA A 285 -19.35 11.24 -14.76
CA ALA A 285 -19.82 9.88 -14.50
C ALA A 285 -21.05 9.55 -15.34
N TYR A 286 -21.14 8.28 -15.73
CA TYR A 286 -22.40 7.76 -16.24
C TYR A 286 -23.52 8.08 -15.25
N ALA A 287 -24.67 8.48 -15.78
CA ALA A 287 -25.77 9.02 -14.99
C ALA A 287 -26.65 7.89 -14.47
N ARG A 288 -26.07 7.06 -13.61
CA ARG A 288 -26.83 5.98 -12.97
C ARG A 288 -26.11 5.56 -11.70
N GLY A 289 -26.87 4.97 -10.79
CA GLY A 289 -26.29 4.49 -9.55
C GLY A 289 -25.86 5.62 -8.61
N GLY A 290 -24.86 5.29 -7.76
CA GLY A 290 -24.39 6.17 -6.72
C GLY A 290 -24.01 7.58 -7.12
N PRO A 291 -23.37 7.80 -8.28
CA PRO A 291 -22.99 9.18 -8.64
C PRO A 291 -24.16 10.14 -8.78
N LEU A 292 -25.36 9.64 -9.12
CA LEU A 292 -26.53 10.51 -9.20
C LEU A 292 -26.82 11.20 -7.87
N GLU A 293 -26.44 10.59 -6.75
CA GLU A 293 -26.64 11.19 -5.44
C GLU A 293 -25.40 11.84 -4.87
N ILE A 294 -24.31 11.93 -5.65
CA ILE A 294 -23.07 12.56 -5.20
C ILE A 294 -22.83 13.84 -5.96
N ILE A 295 -22.96 13.79 -7.28
CA ILE A 295 -22.62 14.87 -8.17
C ILE A 295 -23.83 15.76 -8.41
N GLU A 296 -23.58 17.06 -8.45
CA GLU A 296 -24.56 18.07 -8.79
C GLU A 296 -24.34 18.47 -10.25
N GLN A 297 -25.33 18.15 -11.09
CA GLN A 297 -25.20 18.33 -12.53
C GLN A 297 -24.75 19.74 -12.92
N GLY A 298 -23.67 19.83 -13.69
CA GLY A 298 -23.17 21.13 -14.11
C GLY A 298 -22.60 22.01 -13.02
N LYS A 299 -22.35 21.47 -11.82
CA LYS A 299 -21.78 22.25 -10.72
C LYS A 299 -20.53 21.59 -10.13
N SER A 300 -20.64 20.34 -9.69
CA SER A 300 -19.50 19.57 -9.21
C SER A 300 -19.12 18.43 -10.17
N GLY A 301 -19.77 18.36 -11.32
CA GLY A 301 -19.39 17.39 -12.33
C GLY A 301 -20.41 17.37 -13.45
N TRP A 302 -20.36 16.31 -14.26
CA TRP A 302 -21.30 16.11 -15.34
C TRP A 302 -21.78 14.66 -15.32
N LEU A 303 -23.09 14.46 -15.31
CA LEU A 303 -23.70 13.13 -15.32
C LEU A 303 -24.16 12.85 -16.74
N VAL A 304 -23.59 11.82 -17.38
CA VAL A 304 -23.73 11.68 -18.82
C VAL A 304 -24.37 10.35 -19.19
N GLU A 305 -24.87 10.30 -20.41
CA GLU A 305 -25.49 9.08 -20.94
C GLU A 305 -24.47 7.94 -20.97
N PRO A 306 -24.81 6.76 -20.45
CA PRO A 306 -23.83 5.67 -20.38
C PRO A 306 -23.41 5.15 -21.75
N ASP A 307 -22.16 4.72 -21.83
CA ASP A 307 -21.64 3.97 -22.98
C ASP A 307 -21.65 4.77 -24.27
N GLN A 308 -21.57 6.10 -24.18
CA GLN A 308 -21.61 6.95 -25.36
C GLN A 308 -20.38 7.86 -25.36
N GLN A 309 -19.51 7.63 -26.34
CA GLN A 309 -18.28 8.42 -26.48
C GLN A 309 -18.57 9.91 -26.52
N ALA A 310 -19.49 10.31 -27.40
CA ALA A 310 -19.77 11.72 -27.62
C ALA A 310 -20.15 12.42 -26.32
N ALA A 311 -20.80 11.71 -25.40
CA ALA A 311 -21.27 12.32 -24.17
C ALA A 311 -20.11 12.55 -23.20
N LEU A 312 -19.17 11.61 -23.14
CA LEU A 312 -17.96 11.83 -22.36
C LEU A 312 -17.12 12.96 -22.94
N VAL A 313 -16.90 12.95 -24.26
CA VAL A 313 -16.11 14.00 -24.90
C VAL A 313 -16.72 15.38 -24.65
N ASN A 314 -18.03 15.48 -24.85
CA ASN A 314 -18.70 16.77 -24.63
C ASN A 314 -18.51 17.26 -23.21
N ALA A 315 -18.56 16.34 -22.23
CA ALA A 315 -18.42 16.70 -20.83
C ALA A 315 -16.99 17.10 -20.51
N ILE A 316 -16.00 16.38 -21.06
CA ILE A 316 -14.60 16.73 -20.81
C ILE A 316 -14.33 18.16 -21.29
N GLY A 317 -14.95 18.55 -22.42
CA GLY A 317 -14.80 19.90 -22.92
C GLY A 317 -15.48 20.99 -22.10
N GLN A 318 -16.35 20.62 -21.16
CA GLN A 318 -16.92 21.61 -20.26
C GLN A 318 -16.40 21.50 -18.84
N LEU A 319 -15.27 20.81 -18.64
CA LEU A 319 -14.70 20.76 -17.30
C LEU A 319 -14.39 22.15 -16.79
N SER A 320 -13.99 23.07 -17.69
CA SER A 320 -13.64 24.43 -17.28
C SER A 320 -14.84 25.21 -16.76
N SER A 321 -16.06 24.79 -17.08
CA SER A 321 -17.24 25.43 -16.50
C SER A 321 -17.35 25.22 -14.99
N LEU A 322 -16.55 24.32 -14.41
CA LEU A 322 -16.78 23.84 -13.06
C LEU A 322 -15.73 24.40 -12.09
N ASP A 323 -16.19 24.84 -10.92
CA ASP A 323 -15.34 25.46 -9.90
C ASP A 323 -14.79 24.38 -8.98
N ARG A 324 -13.48 24.17 -9.01
CA ARG A 324 -12.88 23.11 -8.20
C ARG A 324 -13.10 23.39 -6.72
N ALA A 325 -13.08 24.66 -6.33
CA ALA A 325 -13.33 25.02 -4.94
C ALA A 325 -14.75 24.66 -4.51
N TYR A 326 -15.71 24.80 -5.42
CA TYR A 326 -17.07 24.36 -5.12
C TYR A 326 -17.14 22.85 -4.90
N CYS A 327 -16.45 22.06 -5.72
CA CYS A 327 -16.38 20.62 -5.50
C CYS A 327 -15.91 20.29 -4.09
N ARG A 328 -14.83 20.96 -3.64
CA ARG A 328 -14.32 20.73 -2.29
C ARG A 328 -15.32 21.20 -1.24
N ALA A 329 -15.97 22.34 -1.48
CA ALA A 329 -16.95 22.85 -0.53
C ALA A 329 -18.11 21.87 -0.37
N GLN A 330 -18.53 21.24 -1.48
CA GLN A 330 -19.62 20.29 -1.38
C GLN A 330 -19.21 19.02 -0.62
N ALA A 331 -17.98 18.56 -0.81
CA ALA A 331 -17.48 17.45 -0.01
C ALA A 331 -17.51 17.79 1.48
N GLU A 332 -16.99 18.97 1.83
CA GLU A 332 -17.01 19.38 3.23
C GLU A 332 -18.43 19.50 3.76
N ALA A 333 -19.35 20.08 2.99
CA ALA A 333 -20.70 20.28 3.52
C ALA A 333 -21.46 18.96 3.62
N ARG A 334 -21.24 18.05 2.68
CA ARG A 334 -22.08 16.88 2.53
C ARG A 334 -21.44 15.57 2.98
N PHE A 335 -20.13 15.42 2.81
CA PHE A 335 -19.53 14.11 2.95
C PHE A 335 -18.45 14.09 4.04
N SER A 336 -18.49 15.06 4.96
CA SER A 336 -17.49 15.13 6.01
C SER A 336 -17.85 14.19 7.15
N LEU A 337 -16.82 13.80 7.90
CA LEU A 337 -17.08 13.07 9.14
C LEU A 337 -17.95 13.90 10.08
N ALA A 338 -17.82 15.22 10.06
CA ALA A 338 -18.66 16.06 10.91
C ALA A 338 -20.12 15.96 10.50
N ALA A 339 -20.39 16.08 9.21
CA ALA A 339 -21.77 15.91 8.75
C ALA A 339 -22.28 14.51 9.07
N MSE A 340 -21.45 13.49 8.86
CA MSE A 340 -21.90 12.12 9.14
C MSE A 340 -22.15 11.86 10.63
O MSE A 340 -23.09 11.17 11.00
CB MSE A 340 -20.87 11.11 8.63
CG MSE A 340 -21.15 9.65 9.02
SE MSE A 340 -22.83 8.97 8.29
CE MSE A 340 -22.25 8.69 6.44
N GLY A 341 -21.31 12.45 11.49
CA GLY A 341 -21.52 12.30 12.91
C GLY A 341 -22.83 12.87 13.39
N GLN A 342 -23.27 13.98 12.80
CA GLN A 342 -24.57 14.53 13.16
C GLN A 342 -25.71 13.64 12.66
N ARG A 343 -25.57 13.07 11.47
CA ARG A 343 -26.65 12.19 10.98
C ARG A 343 -26.72 10.93 11.83
N LEU A 344 -25.56 10.41 12.27
CA LEU A 344 -25.53 9.22 13.11
C LEU A 344 -26.20 9.48 14.45
N GLU A 345 -25.87 10.62 15.09
CA GLU A 345 -26.53 10.95 16.35
C GLU A 345 -28.03 11.13 16.17
N ALA A 346 -28.44 11.79 15.08
CA ALA A 346 -29.87 11.92 14.82
C ALA A 346 -30.54 10.57 14.66
N TRP A 347 -29.84 9.62 14.01
CA TRP A 347 -30.36 8.28 13.84
C TRP A 347 -30.34 7.50 15.15
N LEU A 348 -29.18 7.43 15.80
CA LEU A 348 -28.96 6.48 16.89
C LEU A 348 -29.42 6.97 18.25
N LEU A 349 -29.27 8.25 18.56
CA LEU A 349 -29.59 8.68 19.91
C LEU A 349 -31.04 8.41 20.32
N PRO A 350 -32.05 8.55 19.46
CA PRO A 350 -33.42 8.18 19.88
C PRO A 350 -33.61 6.71 20.16
N LEU A 351 -32.69 5.86 19.72
CA LEU A 351 -32.79 4.43 19.95
C LEU A 351 -32.23 4.02 21.30
N LEU A 352 -31.55 4.92 22.01
CA LEU A 352 -30.99 4.57 23.31
C LEU A 352 -32.09 4.46 24.35
N SER A 353 -31.81 3.65 25.38
CA SER A 353 -32.71 3.42 26.52
C SER A 353 -33.98 2.68 26.09
N THR B 1 35.82 21.18 -3.70
CA THR B 1 36.66 20.95 -2.53
C THR B 1 36.23 19.64 -1.84
N ALA B 2 37.20 18.78 -1.54
CA ALA B 2 36.93 17.39 -1.19
C ALA B 2 36.77 17.21 0.31
N HIS B 3 35.98 16.21 0.70
CA HIS B 3 35.66 16.04 2.10
C HIS B 3 35.89 14.59 2.55
N ARG B 4 35.89 14.40 3.88
CA ARG B 4 36.16 13.11 4.51
C ARG B 4 34.90 12.63 5.22
N PHE B 5 34.41 11.46 4.85
CA PHE B 5 33.18 10.89 5.39
C PHE B 5 33.50 9.59 6.12
N LEU B 6 32.77 9.34 7.20
CA LEU B 6 32.80 8.06 7.88
C LEU B 6 31.42 7.42 7.75
N PHE B 7 31.36 6.24 7.14
CA PHE B 7 30.11 5.48 7.01
C PHE B 7 30.08 4.44 8.13
N VAL B 8 29.02 4.44 8.93
CA VAL B 8 28.84 3.48 10.01
C VAL B 8 27.76 2.50 9.60
N SER B 9 28.13 1.23 9.48
CA SER B 9 27.29 0.24 8.85
C SER B 9 26.24 -0.30 9.82
N THR B 10 25.41 -1.21 9.33
CA THR B 10 24.40 -1.82 10.18
C THR B 10 25.05 -2.80 11.16
N PRO B 11 24.50 -2.89 12.38
CA PRO B 11 25.01 -3.85 13.37
C PRO B 11 24.36 -5.21 13.31
N VAL B 12 23.45 -5.45 12.36
CA VAL B 12 22.75 -6.74 12.39
C VAL B 12 23.65 -7.87 11.89
N GLY B 13 24.73 -7.55 11.17
CA GLY B 13 25.74 -8.51 10.80
C GLY B 13 26.82 -7.91 9.93
N PRO B 14 27.86 -8.69 9.62
CA PRO B 14 29.00 -8.14 8.87
C PRO B 14 28.67 -7.91 7.42
N LEU B 15 29.26 -6.85 6.85
CA LEU B 15 29.32 -6.70 5.40
C LEU B 15 29.89 -7.96 4.78
N GLY B 16 29.14 -8.56 3.85
CA GLY B 16 29.51 -9.81 3.21
C GLY B 16 28.87 -11.04 3.80
N SER B 17 28.15 -10.91 4.91
CA SER B 17 27.46 -12.07 5.49
C SER B 17 26.08 -12.29 4.91
N GLY B 18 25.55 -11.37 4.11
CA GLY B 18 24.17 -11.45 3.68
C GLY B 18 23.16 -11.14 4.76
N ARG B 19 23.62 -10.84 5.98
CA ARG B 19 22.74 -10.61 7.11
C ARG B 19 22.31 -9.16 7.26
N GLY B 20 23.05 -8.21 6.68
CA GLY B 20 22.71 -6.81 6.74
C GLY B 20 21.64 -6.35 5.79
N GLY B 21 21.05 -7.24 5.01
CA GLY B 21 20.03 -6.81 4.07
C GLY B 21 20.62 -5.92 2.99
N GLY B 22 19.81 -4.97 2.53
CA GLY B 22 20.18 -4.08 1.44
C GLY B 22 21.34 -3.16 1.74
N VAL B 23 21.60 -2.89 3.01
CA VAL B 23 22.76 -2.08 3.37
C VAL B 23 24.05 -2.71 2.85
N GLU B 24 24.11 -4.05 2.76
CA GLU B 24 25.36 -4.66 2.30
C GLU B 24 25.69 -4.27 0.87
N LEU B 25 24.67 -3.94 0.07
CA LEU B 25 24.91 -3.45 -1.28
C LEU B 25 24.97 -1.93 -1.32
N THR B 26 24.06 -1.28 -0.60
CA THR B 26 23.95 0.17 -0.63
C THR B 26 25.23 0.84 -0.14
N LEU B 27 25.73 0.42 1.03
CA LEU B 27 26.82 1.16 1.65
C LEU B 27 28.07 1.20 0.75
N PRO B 28 28.56 0.08 0.20
CA PRO B 28 29.75 0.19 -0.68
C PRO B 28 29.49 0.99 -1.94
N ASN B 29 28.28 0.87 -2.51
CA ASN B 29 27.96 1.64 -3.71
C ASN B 29 27.91 3.14 -3.42
N LEU B 30 27.33 3.55 -2.29
CA LEU B 30 27.32 4.96 -1.97
C LEU B 30 28.72 5.45 -1.63
N ALA B 31 29.54 4.59 -1.04
CA ALA B 31 30.92 4.97 -0.75
C ALA B 31 31.68 5.19 -2.05
N LYS B 32 31.47 4.31 -3.03
CA LYS B 32 32.14 4.45 -4.32
C LYS B 32 31.61 5.65 -5.09
N ALA B 33 30.30 5.92 -5.01
CA ALA B 33 29.77 7.15 -5.61
C ALA B 33 30.50 8.39 -5.08
N LEU B 34 30.75 8.43 -3.78
CA LEU B 34 31.44 9.61 -3.24
C LEU B 34 32.93 9.61 -3.54
N THR B 35 33.62 8.47 -3.45
CA THR B 35 35.05 8.53 -3.72
C THR B 35 35.33 8.85 -5.18
N GLN B 36 34.41 8.50 -6.09
CA GLN B 36 34.64 8.80 -7.48
C GLN B 36 34.54 10.29 -7.77
N ARG B 37 33.99 11.07 -6.84
CA ARG B 37 33.99 12.53 -6.94
C ARG B 37 35.10 13.16 -6.10
N GLY B 38 36.13 12.39 -5.75
CA GLY B 38 37.29 12.92 -5.06
C GLY B 38 37.21 12.91 -3.54
N HIS B 39 36.12 12.43 -2.95
CA HIS B 39 36.00 12.44 -1.50
C HIS B 39 36.70 11.23 -0.88
N GLN B 40 36.99 11.33 0.42
CA GLN B 40 37.49 10.21 1.19
C GLN B 40 36.35 9.61 2.00
N VAL B 41 36.22 8.29 1.92
CA VAL B 41 35.20 7.56 2.66
C VAL B 41 35.90 6.43 3.41
N SER B 42 35.68 6.38 4.72
CA SER B 42 36.05 5.25 5.55
C SER B 42 34.79 4.60 6.09
N VAL B 43 34.90 3.32 6.43
CA VAL B 43 33.75 2.53 6.84
C VAL B 43 34.06 1.88 8.19
N LEU B 44 33.06 1.87 9.05
CA LEU B 44 33.09 1.25 10.37
C LEU B 44 31.99 0.21 10.41
N ALA B 45 32.32 -1.04 10.75
CA ALA B 45 31.36 -2.13 10.60
C ALA B 45 31.70 -3.26 11.57
N PRO B 46 30.80 -4.24 11.73
CA PRO B 46 31.10 -5.34 12.67
C PRO B 46 32.28 -6.20 12.24
N ALA B 47 32.91 -6.82 13.22
CA ALA B 47 34.02 -7.74 12.96
C ALA B 47 33.58 -8.83 11.98
N GLY B 48 34.51 -9.25 11.12
CA GLY B 48 34.16 -10.19 10.09
C GLY B 48 33.74 -9.55 8.78
N SER B 49 33.50 -8.24 8.78
CA SER B 49 33.13 -7.54 7.57
C SER B 49 34.26 -7.58 6.54
N VAL B 50 33.89 -7.51 5.26
CA VAL B 50 34.83 -7.36 4.17
C VAL B 50 34.39 -6.20 3.29
N LEU B 51 35.37 -5.51 2.72
CA LEU B 51 35.11 -4.37 1.84
C LEU B 51 36.30 -4.14 0.92
N PRO B 52 36.15 -4.37 -0.40
CA PRO B 52 37.33 -4.62 -1.27
C PRO B 52 38.37 -3.49 -1.41
N ASP B 53 37.99 -2.22 -1.45
CA ASP B 53 38.97 -1.19 -1.82
C ASP B 53 39.01 -0.01 -0.87
N LEU B 54 38.19 0.01 0.12
CA LEU B 54 38.00 1.17 0.95
C LEU B 54 38.63 0.94 2.31
N PRO B 55 39.01 2.00 3.01
CA PRO B 55 39.44 1.83 4.40
C PRO B 55 38.27 1.29 5.19
N LEU B 56 38.53 0.21 5.93
CA LEU B 56 37.51 -0.41 6.77
C LEU B 56 38.09 -0.58 8.16
N GLU B 57 37.30 -0.24 9.17
CA GLU B 57 37.60 -0.56 10.55
C GLU B 57 36.48 -1.42 11.12
N THR B 58 36.83 -2.51 11.79
CA THR B 58 35.81 -3.38 12.35
C THR B 58 35.95 -3.46 13.87
N VAL B 59 34.83 -3.76 14.51
CA VAL B 59 34.72 -3.84 15.97
C VAL B 59 33.99 -5.13 16.33
N PRO B 60 34.50 -5.98 17.21
CA PRO B 60 33.74 -7.18 17.59
C PRO B 60 32.58 -6.83 18.51
N GLY B 61 31.66 -7.78 18.63
CA GLY B 61 30.59 -7.64 19.58
C GLY B 61 29.33 -8.32 19.09
N THR B 62 28.31 -8.30 19.96
CA THR B 62 27.05 -8.99 19.69
C THR B 62 26.21 -8.22 18.69
N TRP B 63 25.67 -8.93 17.72
CA TRP B 63 24.91 -8.31 16.66
C TRP B 63 23.57 -7.85 17.19
N GLN B 64 23.02 -6.85 16.51
CA GLN B 64 21.75 -6.27 16.88
C GLN B 64 20.61 -7.16 16.35
N SER B 65 19.66 -7.48 17.21
CA SER B 65 18.58 -8.36 16.80
C SER B 65 17.64 -7.63 15.85
N THR B 66 17.01 -8.41 14.96
CA THR B 66 15.97 -7.91 14.07
C THR B 66 14.56 -8.16 14.60
N ALA B 67 14.44 -8.84 15.75
CA ALA B 67 13.15 -9.32 16.24
C ALA B 67 12.28 -8.20 16.78
N GLN B 68 11.01 -8.19 16.38
CA GLN B 68 10.01 -7.23 16.86
C GLN B 68 9.19 -7.94 17.92
N SER B 69 9.74 -8.00 19.13
CA SER B 69 9.15 -8.83 20.18
C SER B 69 7.80 -8.32 20.66
N HIS B 70 7.58 -7.00 20.63
CA HIS B 70 6.32 -6.40 21.05
C HIS B 70 5.70 -5.55 19.95
N GLY B 71 5.92 -5.92 18.69
CA GLY B 71 5.33 -5.16 17.60
C GLY B 71 5.85 -3.72 17.57
N ARG B 72 4.95 -2.78 17.35
CA ARG B 72 5.39 -1.39 17.33
C ARG B 72 5.79 -0.88 18.70
N ALA B 73 5.54 -1.67 19.76
CA ALA B 73 5.87 -1.25 21.11
C ALA B 73 7.18 -1.83 21.63
N THR B 74 7.95 -2.56 20.80
CA THR B 74 9.18 -3.14 21.34
C THR B 74 10.22 -2.04 21.57
N PRO B 75 10.89 -2.06 22.71
CA PRO B 75 11.85 -1.01 23.03
C PRO B 75 13.11 -1.16 22.19
N ALA B 76 13.90 -0.10 22.17
CA ALA B 76 15.27 -0.25 21.71
C ALA B 76 16.00 -1.14 22.69
N GLU B 77 16.90 -1.98 22.19
CA GLU B 77 17.65 -2.90 23.02
C GLU B 77 19.14 -2.78 22.75
N ILE B 78 19.93 -2.79 23.82
CA ILE B 78 21.39 -2.79 23.75
C ILE B 78 21.89 -3.99 24.54
N PRO B 79 22.25 -5.08 23.87
CA PRO B 79 22.77 -6.25 24.59
C PRO B 79 24.14 -5.98 25.19
N ALA B 80 24.52 -6.83 26.14
CA ALA B 80 25.90 -6.88 26.59
C ALA B 80 26.81 -7.07 25.38
N GLU B 81 28.00 -6.44 25.42
CA GLU B 81 28.98 -6.51 24.32
C GLU B 81 28.40 -6.04 22.96
N SER B 82 27.42 -5.12 23.02
CA SER B 82 26.74 -4.63 21.83
C SER B 82 27.71 -4.10 20.76
N VAL B 83 27.61 -4.63 19.55
CA VAL B 83 28.47 -4.11 18.49
C VAL B 83 28.02 -2.72 18.08
N LEU B 84 26.70 -2.46 18.10
CA LEU B 84 26.21 -1.13 17.74
C LEU B 84 26.77 -0.08 18.69
N ALA B 85 26.73 -0.39 19.99
CA ALA B 85 27.25 0.53 21.00
C ALA B 85 28.74 0.77 20.81
N ARG B 86 29.48 -0.28 20.49
CA ARG B 86 30.91 -0.14 20.30
C ARG B 86 31.25 0.62 19.01
N LEU B 87 30.45 0.40 17.96
CA LEU B 87 30.68 1.14 16.71
C LEU B 87 30.53 2.65 16.96
N TRP B 88 29.51 3.05 17.73
CA TRP B 88 29.31 4.48 17.89
C TRP B 88 30.27 5.05 18.91
N ASP B 89 30.76 4.22 19.84
CA ASP B 89 31.84 4.68 20.69
C ASP B 89 33.10 4.94 19.87
N ARG B 90 33.40 4.05 18.93
CA ARG B 90 34.59 4.22 18.10
C ARG B 90 34.45 5.42 17.16
N ALA B 91 33.28 5.60 16.56
CA ALA B 91 33.02 6.77 15.74
C ALA B 91 33.24 8.05 16.54
N HIS B 92 32.74 8.09 17.77
CA HIS B 92 32.88 9.28 18.59
C HIS B 92 34.35 9.58 18.87
N GLN B 93 35.13 8.55 19.20
CA GLN B 93 36.57 8.75 19.46
C GLN B 93 37.28 9.37 18.28
N GLN B 94 36.89 9.03 17.04
CA GLN B 94 37.60 9.56 15.89
C GLN B 94 36.80 10.62 15.12
N GLN B 95 35.80 11.25 15.76
CA GLN B 95 34.88 12.11 15.04
C GLN B 95 35.58 13.31 14.40
N ALA B 96 36.67 13.79 15.00
CA ALA B 96 37.37 14.94 14.46
C ALA B 96 38.17 14.60 13.21
N ASP B 97 38.35 13.32 12.90
CA ASP B 97 39.03 12.96 11.67
C ASP B 97 38.13 13.05 10.45
N PHE B 98 36.85 13.41 10.61
CA PHE B 98 35.90 13.40 9.51
C PHE B 98 35.07 14.68 9.50
N ASP B 99 34.56 15.03 8.32
CA ASP B 99 33.66 16.17 8.13
C ASP B 99 32.21 15.79 8.40
N LEU B 100 31.85 14.54 8.15
CA LEU B 100 30.49 14.10 8.37
C LEU B 100 30.49 12.59 8.59
N ILE B 101 29.60 12.15 9.47
CA ILE B 101 29.38 10.74 9.77
C ILE B 101 28.03 10.35 9.20
N LEU B 102 28.01 9.28 8.41
CA LEU B 102 26.76 8.81 7.81
C LEU B 102 26.37 7.48 8.43
N ASN B 103 25.19 7.45 9.07
CA ASN B 103 24.69 6.28 9.76
C ASN B 103 23.75 5.51 8.83
N PHE B 104 23.99 4.20 8.71
CA PHE B 104 23.20 3.29 7.89
C PHE B 104 22.31 2.37 8.72
N ALA B 105 22.36 2.45 10.05
CA ALA B 105 21.69 1.50 10.91
C ALA B 105 20.29 2.00 11.26
N TYR B 106 19.31 1.10 11.18
CA TYR B 106 17.93 1.41 11.61
C TYR B 106 17.80 1.13 13.11
N ASP B 107 18.38 2.02 13.91
CA ASP B 107 18.44 1.84 15.35
C ASP B 107 18.27 3.17 16.07
N TRP B 108 17.79 3.07 17.31
CA TRP B 108 17.58 4.24 18.16
C TRP B 108 18.89 4.95 18.51
N LEU B 109 19.95 4.20 18.88
CA LEU B 109 21.11 4.84 19.48
C LEU B 109 21.81 5.86 18.59
N PRO B 110 22.11 5.58 17.31
CA PRO B 110 22.78 6.62 16.50
C PRO B 110 21.97 7.90 16.37
N LEU B 111 20.64 7.79 16.32
CA LEU B 111 19.81 8.99 16.28
C LEU B 111 19.87 9.74 17.60
N TYR B 112 19.74 9.00 18.71
CA TYR B 112 19.83 9.62 20.02
C TYR B 112 21.18 10.34 20.20
N LEU B 113 22.27 9.72 19.73
CA LEU B 113 23.62 10.27 19.94
C LEU B 113 23.93 11.48 19.06
N THR B 114 23.09 11.81 18.07
CA THR B 114 23.45 12.88 17.15
C THR B 114 23.83 14.20 17.83
N PRO B 115 23.04 14.77 18.75
CA PRO B 115 23.49 15.99 19.44
C PRO B 115 24.72 15.78 20.32
N PHE B 116 25.08 14.55 20.67
CA PHE B 116 26.29 14.33 21.46
C PHE B 116 27.55 14.37 20.62
N PHE B 117 27.43 14.48 19.30
CA PHE B 117 28.58 14.59 18.42
C PHE B 117 28.83 16.05 18.05
N LYS B 118 30.11 16.40 17.89
CA LYS B 118 30.42 17.69 17.29
C LYS B 118 30.41 17.59 15.77
N THR B 119 31.02 16.55 15.22
CA THR B 119 30.91 16.29 13.80
C THR B 119 29.45 16.04 13.42
N PRO B 120 29.00 16.55 12.26
CA PRO B 120 27.63 16.28 11.80
C PRO B 120 27.39 14.80 11.53
N VAL B 121 26.19 14.34 11.88
CA VAL B 121 25.75 12.96 11.69
C VAL B 121 24.48 12.98 10.84
N ALA B 122 24.52 12.32 9.69
CA ALA B 122 23.36 12.16 8.85
C ALA B 122 22.89 10.71 8.92
N HIS B 123 21.65 10.48 8.50
CA HIS B 123 21.07 9.15 8.65
C HIS B 123 20.40 8.78 7.34
N LEU B 124 20.81 7.67 6.77
CA LEU B 124 20.12 7.07 5.64
C LEU B 124 19.25 5.92 6.17
N ILE B 125 17.94 6.11 6.11
CA ILE B 125 16.97 5.16 6.66
C ILE B 125 16.70 4.11 5.60
N SER B 126 16.80 2.83 5.98
CA SER B 126 16.62 1.76 5.01
C SER B 126 15.30 1.02 5.15
N MSE B 127 14.57 1.21 6.25
CA MSE B 127 13.32 0.51 6.49
C MSE B 127 12.16 1.48 6.43
O MSE B 127 12.35 2.69 6.57
CB MSE B 127 13.30 -0.18 7.86
CG MSE B 127 14.45 -1.10 8.17
SE MSE B 127 14.38 -2.68 7.06
CE MSE B 127 12.90 -3.60 7.93
N GLY B 128 10.94 0.96 6.29
CA GLY B 128 9.74 1.71 6.58
C GLY B 128 9.50 1.79 8.08
N SER B 129 8.35 2.35 8.44
CA SER B 129 8.00 2.51 9.85
C SER B 129 7.73 1.15 10.50
N LEU B 130 8.35 0.91 11.64
CA LEU B 130 8.29 -0.38 12.32
C LEU B 130 7.95 -0.27 13.79
N SER B 131 8.35 0.80 14.49
CA SER B 131 8.17 0.85 15.92
C SER B 131 7.97 2.30 16.38
N GLU B 132 7.32 2.46 17.53
CA GLU B 132 7.16 3.79 18.12
C GLU B 132 8.48 4.41 18.50
N VAL B 133 9.36 3.65 19.16
CA VAL B 133 10.63 4.22 19.59
C VAL B 133 11.44 4.69 18.38
N MSE B 134 11.34 3.99 17.24
CA MSE B 134 12.13 4.40 16.05
C MSE B 134 11.53 5.60 15.35
O MSE B 134 12.24 6.53 15.00
CB MSE B 134 12.26 3.26 15.05
CG MSE B 134 13.40 2.32 15.28
SE MSE B 134 15.15 3.24 15.37
CE MSE B 134 15.37 4.05 13.67
N ASP B 135 10.21 5.54 15.11
CA ASP B 135 9.50 6.71 14.58
C ASP B 135 9.84 7.96 15.37
N GLN B 136 9.84 7.86 16.70
CA GLN B 136 10.05 9.04 17.51
C GLN B 136 11.50 9.48 17.49
N ALA B 137 12.43 8.52 17.48
CA ALA B 137 13.84 8.91 17.39
C ALA B 137 14.12 9.63 16.08
N ILE B 138 13.55 9.15 14.97
CA ILE B 138 13.78 9.79 13.67
C ILE B 138 13.14 11.17 13.64
N ALA B 139 11.88 11.28 14.09
CA ALA B 139 11.18 12.57 14.10
C ALA B 139 11.94 13.59 14.94
N THR B 140 12.42 13.19 16.12
CA THR B 140 13.18 14.09 16.96
C THR B 140 14.39 14.65 16.25
N SER B 141 15.13 13.80 15.54
CA SER B 141 16.31 14.30 14.87
C SER B 141 15.93 15.13 13.65
N LEU B 142 14.79 14.83 12.99
CA LEU B 142 14.27 15.72 11.95
C LEU B 142 13.94 17.10 12.52
N ASP B 143 13.21 17.13 13.64
CA ASP B 143 12.84 18.39 14.29
C ASP B 143 14.06 19.23 14.60
N ARG B 144 15.10 18.61 15.16
CA ARG B 144 16.30 19.33 15.58
C ARG B 144 17.24 19.62 14.43
N TYR B 145 17.27 18.74 13.43
CA TYR B 145 18.26 18.82 12.35
C TYR B 145 17.55 18.59 11.02
N PRO B 146 16.86 19.59 10.50
CA PRO B 146 16.20 19.44 9.19
C PRO B 146 17.17 19.03 8.09
N GLY B 147 16.69 18.20 7.18
CA GLY B 147 17.49 17.71 6.08
C GLY B 147 18.48 16.63 6.44
N SER B 148 18.46 16.13 7.67
CA SER B 148 19.46 15.16 8.09
C SER B 148 19.03 13.71 7.85
N ILE B 149 17.79 13.49 7.43
CA ILE B 149 17.23 12.16 7.24
C ILE B 149 16.96 11.96 5.75
N ALA B 150 17.51 10.90 5.18
CA ALA B 150 17.19 10.51 3.82
C ALA B 150 16.54 9.13 3.79
N VAL B 151 15.84 8.85 2.69
CA VAL B 151 15.23 7.56 2.45
C VAL B 151 15.55 7.15 1.01
N HIS B 152 15.17 5.91 0.68
CA HIS B 152 15.39 5.39 -0.67
C HIS B 152 14.16 5.46 -1.58
N SER B 153 12.95 5.62 -1.04
CA SER B 153 11.78 5.62 -1.91
C SER B 153 10.66 6.44 -1.26
N LEU B 154 9.82 7.02 -2.12
CA LEU B 154 8.65 7.75 -1.63
C LEU B 154 7.70 6.83 -0.88
N ALA B 155 7.50 5.61 -1.40
CA ALA B 155 6.67 4.61 -0.72
C ALA B 155 7.18 4.37 0.70
N GLN B 156 8.50 4.31 0.87
CA GLN B 156 9.06 4.08 2.19
C GLN B 156 8.77 5.26 3.12
N ALA B 157 9.04 6.48 2.64
CA ALA B 157 8.75 7.69 3.42
C ALA B 157 7.26 7.78 3.78
N ALA B 158 6.38 7.35 2.89
CA ALA B 158 4.94 7.45 3.14
C ALA B 158 4.51 6.59 4.32
N THR B 159 5.32 5.61 4.74
CA THR B 159 4.99 4.85 5.94
C THR B 159 5.21 5.65 7.21
N PHE B 160 5.89 6.83 7.14
CA PHE B 160 6.17 7.70 8.29
C PHE B 160 5.31 8.95 8.24
N PRO B 161 4.73 9.36 9.36
CA PRO B 161 3.89 10.58 9.32
C PRO B 161 4.69 11.80 8.93
N PHE B 162 5.98 11.81 9.19
CA PHE B 162 6.87 12.89 8.80
C PHE B 162 7.52 12.64 7.45
N GLY B 163 7.02 11.67 6.68
CA GLY B 163 7.71 11.25 5.47
C GLY B 163 8.04 12.39 4.52
N ASP B 164 7.23 13.46 4.52
CA ASP B 164 7.45 14.57 3.59
C ASP B 164 8.69 15.39 3.93
N ARG B 165 9.19 15.29 5.15
CA ARG B 165 10.39 16.02 5.53
C ARG B 165 11.64 15.17 5.37
N CYS B 166 11.51 13.93 4.92
CA CYS B 166 12.65 13.10 4.56
C CYS B 166 13.04 13.39 3.12
N LEU B 167 14.34 13.39 2.86
CA LEU B 167 14.86 13.59 1.51
C LEU B 167 15.00 12.24 0.82
N CYS B 168 14.50 12.10 -0.40
CA CYS B 168 14.56 10.81 -1.08
C CYS B 168 15.76 10.82 -2.04
N ILE B 169 16.73 9.94 -1.80
CA ILE B 169 17.88 9.88 -2.68
C ILE B 169 17.79 8.71 -3.66
N GLY B 170 16.68 7.96 -3.63
CA GLY B 170 16.50 6.87 -4.57
C GLY B 170 17.52 5.75 -4.36
N ASN B 171 17.90 5.13 -5.47
CA ASN B 171 18.73 3.93 -5.49
C ASN B 171 19.74 4.02 -6.64
N ALA B 172 20.81 3.23 -6.53
CA ALA B 172 21.82 3.15 -7.57
C ALA B 172 22.68 1.90 -7.37
N LEU B 173 23.32 1.47 -8.44
CA LEU B 173 24.23 0.33 -8.42
C LEU B 173 25.52 0.68 -9.15
N ASP B 174 26.56 -0.11 -8.89
CA ASP B 174 27.78 -0.02 -9.68
C ASP B 174 27.55 -0.77 -10.99
N LEU B 175 26.99 -0.07 -11.98
CA LEU B 175 26.50 -0.72 -13.20
C LEU B 175 27.61 -1.44 -13.97
N ALA B 176 28.86 -0.97 -13.85
CA ALA B 176 29.95 -1.63 -14.57
C ALA B 176 30.19 -3.06 -14.07
N ALA B 177 29.68 -3.43 -12.90
CA ALA B 177 29.82 -4.81 -12.44
C ALA B 177 28.83 -5.76 -13.09
N TYR B 178 27.80 -5.23 -13.75
CA TYR B 178 26.68 -6.02 -14.23
C TYR B 178 26.74 -6.10 -15.76
N GLY B 179 26.69 -7.31 -16.29
CA GLY B 179 26.68 -7.53 -17.72
C GLY B 179 25.25 -7.70 -18.23
N PHE B 180 24.97 -7.03 -19.35
CA PHE B 180 23.72 -7.26 -20.07
C PHE B 180 23.73 -8.61 -20.78
N ASN B 181 22.66 -9.37 -20.60
CA ASN B 181 22.49 -10.66 -21.27
C ASN B 181 21.24 -10.61 -22.14
N PRO B 182 21.37 -10.61 -23.47
CA PRO B 182 20.18 -10.54 -24.33
C PRO B 182 19.50 -11.88 -24.59
N GLU B 183 20.08 -13.00 -24.16
CA GLU B 183 19.60 -14.35 -24.51
C GLU B 183 19.35 -15.17 -23.26
N PRO B 184 18.19 -15.04 -22.63
CA PRO B 184 17.95 -15.77 -21.39
C PRO B 184 17.64 -17.25 -21.63
N GLU B 185 17.83 -18.04 -20.59
CA GLU B 185 17.28 -19.38 -20.56
C GLU B 185 15.81 -19.34 -20.14
N PRO B 186 15.04 -20.40 -20.38
CA PRO B 186 13.63 -20.41 -19.94
C PRO B 186 13.51 -20.68 -18.45
N VAL B 187 14.04 -19.76 -17.63
CA VAL B 187 14.03 -19.89 -16.18
C VAL B 187 13.64 -18.54 -15.58
N LEU B 188 13.16 -18.60 -14.34
CA LEU B 188 12.87 -17.41 -13.56
C LEU B 188 13.87 -17.29 -12.42
N GLY B 189 14.05 -16.07 -11.94
CA GLY B 189 14.96 -15.79 -10.85
C GLY B 189 14.25 -15.23 -9.64
N TRP B 190 14.84 -15.47 -8.47
CA TRP B 190 14.43 -14.84 -7.23
C TRP B 190 15.70 -14.56 -6.44
N VAL B 191 15.79 -13.34 -5.90
CA VAL B 191 16.95 -12.89 -5.14
C VAL B 191 16.45 -12.29 -3.84
N GLY B 192 17.12 -12.61 -2.75
CA GLY B 192 16.68 -12.21 -1.44
C GLY B 192 17.36 -13.09 -0.40
N ARG B 193 16.95 -12.91 0.83
CA ARG B 193 17.45 -13.79 1.88
C ARG B 193 16.41 -14.84 2.16
N ILE B 194 16.87 -16.06 2.42
CA ILE B 194 16.05 -17.26 2.34
C ILE B 194 15.57 -17.56 3.76
N ALA B 195 14.31 -17.23 4.02
CA ALA B 195 13.76 -17.19 5.37
C ALA B 195 12.24 -17.06 5.26
N PRO B 196 11.51 -17.38 6.33
CA PRO B 196 10.04 -17.33 6.26
C PRO B 196 9.48 -15.94 6.04
N GLU B 197 8.26 -15.93 5.47
CA GLU B 197 7.60 -14.76 4.90
C GLU B 197 8.59 -13.77 4.29
N LYS B 198 9.34 -14.24 3.29
CA LYS B 198 10.03 -13.36 2.36
C LYS B 198 9.40 -13.42 0.98
N GLY B 199 8.20 -13.98 0.89
CA GLY B 199 7.50 -14.17 -0.37
C GLY B 199 7.97 -15.34 -1.20
N LEU B 200 9.04 -16.03 -0.79
CA LEU B 200 9.65 -17.08 -1.60
C LEU B 200 8.64 -18.15 -2.03
N GLU B 201 7.68 -18.48 -1.15
CA GLU B 201 6.64 -19.46 -1.47
C GLU B 201 5.80 -19.02 -2.67
N ASP B 202 5.41 -17.75 -2.70
CA ASP B 202 4.60 -17.24 -3.80
C ASP B 202 5.33 -17.37 -5.12
N ALA B 203 6.64 -17.09 -5.12
CA ALA B 203 7.42 -17.15 -6.35
C ALA B 203 7.50 -18.57 -6.89
N ILE B 204 7.85 -19.54 -6.02
CA ILE B 204 7.98 -20.93 -6.46
C ILE B 204 6.68 -21.42 -7.08
N GLN B 205 5.59 -21.25 -6.32
CA GLN B 205 4.25 -21.60 -6.77
C GLN B 205 3.93 -21.03 -8.14
N ALA B 206 4.21 -19.72 -8.33
CA ALA B 206 3.92 -19.08 -9.61
C ALA B 206 4.81 -19.63 -10.72
N ALA B 207 6.12 -19.72 -10.48
CA ALA B 207 7.01 -20.24 -11.50
C ALA B 207 6.63 -21.66 -11.88
N GLN B 208 6.30 -22.48 -10.88
CA GLN B 208 5.84 -23.84 -11.11
C GLN B 208 4.57 -23.83 -11.95
N GLN B 209 3.56 -23.10 -11.48
CA GLN B 209 2.30 -22.89 -12.20
C GLN B 209 2.55 -22.59 -13.67
N ALA B 210 3.58 -21.80 -13.95
CA ALA B 210 3.90 -21.33 -15.29
C ALA B 210 4.76 -22.31 -16.09
N GLY B 211 5.23 -23.40 -15.47
CA GLY B 211 6.05 -24.35 -16.18
C GLY B 211 7.51 -23.99 -16.28
N LEU B 212 8.01 -23.14 -15.38
CA LEU B 212 9.36 -22.61 -15.47
C LEU B 212 10.10 -22.87 -14.16
N PRO B 213 11.35 -23.35 -14.22
CA PRO B 213 12.11 -23.55 -12.98
C PRO B 213 12.52 -22.22 -12.38
N LEU B 214 12.48 -22.15 -11.05
CA LEU B 214 12.89 -20.96 -10.31
C LEU B 214 14.30 -21.17 -9.79
N ARG B 215 15.17 -20.20 -10.07
CA ARG B 215 16.54 -20.17 -9.57
C ARG B 215 16.64 -19.11 -8.50
N VAL B 216 17.24 -19.48 -7.36
CA VAL B 216 17.15 -18.72 -6.11
C VAL B 216 18.56 -18.38 -5.63
N TRP B 217 18.82 -17.09 -5.43
CA TRP B 217 20.10 -16.59 -4.93
C TRP B 217 19.89 -15.90 -3.58
N GLY B 218 20.81 -16.10 -2.66
CA GLY B 218 20.76 -15.39 -1.39
C GLY B 218 21.44 -16.18 -0.29
N ALA B 219 21.36 -15.60 0.90
CA ALA B 219 22.00 -16.16 2.09
C ALA B 219 21.06 -17.14 2.78
N LEU B 220 21.62 -18.28 3.17
CA LEU B 220 20.86 -19.38 3.78
C LEU B 220 21.14 -19.38 5.29
N THR B 221 20.22 -18.79 6.08
CA THR B 221 20.41 -18.75 7.52
C THR B 221 19.15 -19.16 8.29
N GLU B 222 18.33 -20.00 7.69
CA GLU B 222 17.54 -20.99 8.41
C GLU B 222 17.81 -22.35 7.76
N PRO B 223 19.09 -22.78 7.79
CA PRO B 223 19.57 -23.75 6.80
C PRO B 223 19.82 -25.15 7.33
N ASP B 224 19.51 -26.18 6.53
CA ASP B 224 18.70 -26.04 5.33
C ASP B 224 17.25 -26.11 5.76
N TYR B 225 17.00 -25.96 7.06
CA TYR B 225 15.78 -26.54 7.60
C TYR B 225 14.53 -25.80 7.12
N TRP B 226 14.58 -24.47 7.03
CA TRP B 226 13.51 -23.82 6.30
C TRP B 226 13.58 -24.18 4.81
N GLN B 227 14.78 -24.21 4.25
CA GLN B 227 14.94 -24.38 2.80
C GLN B 227 14.51 -25.77 2.36
N ARG B 228 15.11 -26.82 2.93
CA ARG B 228 14.81 -28.18 2.49
C ARG B 228 13.34 -28.51 2.68
N LEU B 229 12.75 -28.00 3.76
CA LEU B 229 11.31 -28.00 4.00
C LEU B 229 10.54 -27.72 2.71
N GLN B 230 11.01 -26.72 1.96
CA GLN B 230 10.31 -26.26 0.77
C GLN B 230 10.57 -27.12 -0.45
N GLN B 231 11.29 -28.24 -0.33
CA GLN B 231 11.22 -29.24 -1.37
C GLN B 231 9.89 -30.01 -1.33
N GLN B 232 8.92 -29.48 -0.58
CA GLN B 232 7.49 -29.70 -0.76
C GLN B 232 6.98 -29.11 -2.08
N PHE B 233 7.84 -28.42 -2.83
CA PHE B 233 7.59 -28.10 -4.22
C PHE B 233 8.42 -28.95 -5.18
N GLY B 234 9.43 -29.66 -4.68
CA GLY B 234 10.28 -30.56 -5.47
C GLY B 234 11.44 -29.83 -6.10
N ASP B 235 12.59 -30.50 -6.29
CA ASP B 235 13.64 -29.84 -7.05
C ASP B 235 13.32 -29.80 -8.53
N ARG B 236 12.30 -30.55 -8.94
CA ARG B 236 11.38 -30.11 -9.98
C ARG B 236 11.40 -28.59 -10.08
N ALA B 237 10.96 -27.92 -9.02
CA ALA B 237 10.47 -26.55 -9.10
C ALA B 237 11.48 -25.48 -8.70
N VAL B 238 12.39 -25.75 -7.77
CA VAL B 238 13.21 -24.67 -7.21
C VAL B 238 14.65 -25.15 -7.09
N SER B 239 15.59 -24.23 -7.33
CA SER B 239 16.99 -24.56 -7.59
C SER B 239 17.88 -23.54 -6.88
N TYR B 240 18.44 -23.91 -5.73
CA TYR B 240 19.27 -22.98 -4.96
C TYR B 240 20.61 -22.77 -5.67
N GLN B 241 20.97 -21.51 -5.87
CA GLN B 241 22.21 -21.16 -6.56
C GLN B 241 23.29 -20.63 -5.63
N GLY B 242 23.00 -20.48 -4.33
CA GLY B 242 24.00 -20.10 -3.37
C GLY B 242 23.98 -18.62 -3.01
N PHE B 243 24.80 -18.28 -2.01
CA PHE B 243 25.15 -16.90 -1.68
C PHE B 243 26.51 -16.64 -2.31
N VAL B 244 26.55 -15.78 -3.33
CA VAL B 244 27.71 -15.65 -4.19
C VAL B 244 28.13 -14.18 -4.26
N SER B 245 29.26 -13.96 -4.92
CA SER B 245 29.73 -12.60 -5.16
C SER B 245 28.84 -11.90 -6.17
N THR B 246 28.97 -10.57 -6.23
CA THR B 246 28.20 -9.80 -7.18
C THR B 246 28.48 -10.27 -8.61
N ASP B 247 29.73 -10.53 -8.93
CA ASP B 247 30.07 -11.01 -10.27
C ASP B 247 29.42 -12.35 -10.56
N GLU B 248 29.42 -13.28 -9.59
CA GLU B 248 28.73 -14.54 -9.78
C GLU B 248 27.22 -14.34 -9.89
N LEU B 249 26.69 -13.41 -9.11
CA LEU B 249 25.26 -13.17 -9.11
C LEU B 249 24.78 -12.65 -10.45
N GLN B 250 25.45 -11.62 -10.98
CA GLN B 250 24.98 -11.00 -12.22
C GLN B 250 25.08 -11.97 -13.40
N ARG B 251 26.11 -12.80 -13.46
CA ARG B 251 26.20 -13.75 -14.56
C ARG B 251 25.15 -14.85 -14.43
N GLY B 252 24.79 -15.22 -13.20
CA GLY B 252 23.71 -16.18 -13.03
C GLY B 252 22.35 -15.55 -13.25
N LEU B 253 22.14 -14.37 -12.66
CA LEU B 253 20.84 -13.70 -12.74
C LEU B 253 20.48 -13.36 -14.18
N GLY B 254 21.42 -12.79 -14.93
CA GLY B 254 21.18 -12.41 -16.31
C GLY B 254 20.70 -13.55 -17.21
N ARG B 255 20.84 -14.80 -16.76
CA ARG B 255 20.35 -15.93 -17.52
C ARG B 255 18.86 -16.17 -17.36
N CYS B 256 18.20 -15.43 -16.48
CA CYS B 256 16.77 -15.62 -16.27
C CYS B 256 15.98 -14.76 -17.24
N GLN B 257 14.81 -15.26 -17.63
CA GLN B 257 13.99 -14.38 -18.46
C GLN B 257 13.13 -13.44 -17.64
N GLY B 258 13.04 -13.66 -16.33
CA GLY B 258 12.38 -12.71 -15.45
C GLY B 258 12.77 -12.94 -14.00
N LEU B 259 12.62 -11.88 -13.22
CA LEU B 259 12.82 -11.90 -11.77
C LEU B 259 11.49 -11.73 -11.07
N LEU B 260 11.19 -12.62 -10.13
CA LEU B 260 9.96 -12.54 -9.35
C LEU B 260 10.23 -11.83 -8.04
N MSE B 261 9.38 -10.79 -7.74
CA MSE B 261 9.46 -10.23 -6.40
C MSE B 261 8.06 -10.32 -5.80
O MSE B 261 7.15 -9.61 -6.23
CB MSE B 261 9.92 -8.77 -6.45
CG MSE B 261 11.36 -8.62 -6.89
SE MSE B 261 11.95 -6.79 -7.06
CE MSE B 261 12.03 -6.37 -5.16
N THR B 262 8.00 -10.99 -4.77
CA THR B 262 6.70 -11.25 -4.15
C THR B 262 6.73 -10.97 -2.64
N PRO B 263 7.29 -9.84 -2.23
CA PRO B 263 7.54 -9.65 -0.80
C PRO B 263 6.26 -9.28 -0.08
N LYS B 264 6.38 -9.06 1.22
CA LYS B 264 5.38 -8.39 2.03
C LYS B 264 6.02 -7.20 2.72
N TRP B 265 5.15 -6.32 3.25
CA TRP B 265 5.43 -4.90 3.58
C TRP B 265 5.27 -4.07 2.30
N GLY B 270 14.78 -2.92 -3.27
CA GLY B 270 15.12 -1.86 -4.18
C GLY B 270 16.32 -2.20 -5.06
N ASN B 271 17.41 -2.56 -4.40
CA ASN B 271 18.60 -3.03 -5.12
C ASN B 271 18.29 -4.22 -6.01
N VAL B 272 17.56 -5.22 -5.48
CA VAL B 272 17.39 -6.46 -6.24
C VAL B 272 16.72 -6.19 -7.58
N ALA B 273 15.67 -5.34 -7.58
CA ALA B 273 15.02 -5.03 -8.84
C ALA B 273 16.00 -4.40 -9.82
N ILE B 274 16.81 -3.46 -9.33
CA ILE B 274 17.77 -2.81 -10.21
C ILE B 274 18.83 -3.80 -10.67
N GLU B 275 19.19 -4.77 -9.83
CA GLU B 275 20.20 -5.74 -10.26
C GLU B 275 19.69 -6.55 -11.44
N ALA B 276 18.42 -6.95 -11.39
CA ALA B 276 17.79 -7.63 -12.51
C ALA B 276 17.80 -6.74 -13.76
N LEU B 277 17.34 -5.49 -13.63
CA LEU B 277 17.32 -4.58 -14.77
C LEU B 277 18.70 -4.42 -15.37
N ALA B 278 19.74 -4.30 -14.52
CA ALA B 278 21.09 -4.09 -15.01
C ALA B 278 21.60 -5.25 -15.86
N CYS B 279 21.06 -6.44 -15.63
CA CYS B 279 21.43 -7.59 -16.44
C CYS B 279 20.53 -7.75 -17.68
N GLY B 280 19.56 -6.85 -17.88
CA GLY B 280 18.62 -6.98 -18.99
C GLY B 280 17.40 -7.77 -18.61
N LEU B 281 17.10 -7.85 -17.33
CA LEU B 281 16.14 -8.80 -16.83
C LEU B 281 14.88 -8.12 -16.37
N PRO B 282 13.74 -8.35 -17.00
CA PRO B 282 12.50 -7.69 -16.58
C PRO B 282 12.04 -8.22 -15.22
N VAL B 283 11.31 -7.38 -14.50
CA VAL B 283 10.94 -7.68 -13.12
C VAL B 283 9.44 -7.79 -13.01
N ILE B 284 8.99 -8.89 -12.42
CA ILE B 284 7.58 -9.09 -12.12
C ILE B 284 7.43 -8.92 -10.62
N ALA B 285 6.66 -7.93 -10.20
CA ALA B 285 6.55 -7.63 -8.78
C ALA B 285 5.11 -7.34 -8.40
N TYR B 286 4.75 -7.77 -7.19
CA TYR B 286 3.56 -7.25 -6.53
C TYR B 286 3.58 -5.72 -6.58
N ALA B 287 2.43 -5.12 -6.91
CA ALA B 287 2.28 -3.67 -6.92
C ALA B 287 2.19 -3.18 -5.47
N ARG B 288 3.36 -3.10 -4.82
CA ARG B 288 3.42 -2.80 -3.40
C ARG B 288 4.82 -2.28 -3.07
N GLY B 289 4.92 -1.00 -2.71
CA GLY B 289 6.15 -0.45 -2.18
C GLY B 289 7.22 -0.05 -3.19
N GLY B 290 8.48 -0.36 -2.85
CA GLY B 290 9.62 0.12 -3.60
C GLY B 290 9.63 -0.18 -5.09
N PRO B 291 9.17 -1.35 -5.54
CA PRO B 291 9.17 -1.60 -7.00
C PRO B 291 8.28 -0.63 -7.80
N LEU B 292 7.24 -0.06 -7.19
CA LEU B 292 6.39 0.86 -7.94
C LEU B 292 7.17 2.04 -8.51
N GLU B 293 8.28 2.43 -7.88
CA GLU B 293 9.08 3.55 -8.35
C GLU B 293 10.27 3.12 -9.20
N ILE B 294 10.54 1.82 -9.32
CA ILE B 294 11.67 1.31 -10.12
C ILE B 294 11.20 0.80 -11.47
N ILE B 295 10.09 0.07 -11.50
CA ILE B 295 9.62 -0.61 -12.69
C ILE B 295 8.65 0.28 -13.45
N GLU B 296 8.81 0.34 -14.77
CA GLU B 296 7.87 0.97 -15.68
C GLU B 296 6.87 -0.07 -16.20
N GLN B 297 5.60 0.11 -15.84
CA GLN B 297 4.55 -0.86 -16.13
C GLN B 297 4.55 -1.26 -17.59
N GLY B 298 4.76 -2.55 -17.85
CA GLY B 298 4.66 -3.05 -19.20
C GLY B 298 5.82 -2.71 -20.09
N LYS B 299 6.86 -2.08 -19.55
CA LYS B 299 8.06 -1.73 -20.30
C LYS B 299 9.30 -2.38 -19.73
N SER B 300 9.58 -2.20 -18.43
CA SER B 300 10.70 -2.89 -17.79
C SER B 300 10.22 -3.97 -16.82
N GLY B 301 8.94 -4.24 -16.81
CA GLY B 301 8.43 -5.25 -15.90
C GLY B 301 6.91 -5.21 -15.89
N TRP B 302 6.35 -5.93 -14.92
CA TRP B 302 4.93 -6.00 -14.69
C TRP B 302 4.70 -5.78 -13.20
N LEU B 303 3.86 -4.80 -12.86
CA LEU B 303 3.45 -4.53 -11.48
C LEU B 303 2.00 -5.00 -11.34
N VAL B 304 1.79 -6.07 -10.57
CA VAL B 304 0.51 -6.78 -10.61
C VAL B 304 -0.15 -6.76 -9.23
N GLU B 305 -1.46 -6.99 -9.24
CA GLU B 305 -2.24 -7.00 -8.00
C GLU B 305 -1.62 -7.95 -6.98
N PRO B 306 -1.23 -7.46 -5.80
CA PRO B 306 -0.50 -8.31 -4.86
C PRO B 306 -1.30 -9.54 -4.43
N ASP B 307 -0.56 -10.61 -4.15
CA ASP B 307 -1.09 -11.84 -3.57
C ASP B 307 -2.03 -12.56 -4.52
N GLN B 308 -1.89 -12.34 -5.82
CA GLN B 308 -2.72 -13.00 -6.82
C GLN B 308 -1.83 -13.88 -7.69
N GLN B 309 -2.07 -15.20 -7.63
CA GLN B 309 -1.18 -16.14 -8.30
C GLN B 309 -1.42 -16.12 -9.81
N ALA B 310 -2.68 -16.00 -10.23
CA ALA B 310 -2.95 -15.88 -11.66
C ALA B 310 -2.28 -14.65 -12.25
N ALA B 311 -2.14 -13.58 -11.45
CA ALA B 311 -1.48 -12.36 -11.93
C ALA B 311 -0.01 -12.61 -12.22
N LEU B 312 0.68 -13.25 -11.29
CA LEU B 312 2.08 -13.64 -11.52
C LEU B 312 2.22 -14.53 -12.74
N VAL B 313 1.36 -15.56 -12.85
CA VAL B 313 1.45 -16.48 -13.98
C VAL B 313 1.14 -15.78 -15.28
N ASN B 314 0.12 -14.92 -15.30
CA ASN B 314 -0.16 -14.10 -16.48
C ASN B 314 1.08 -13.28 -16.84
N ALA B 315 1.68 -12.62 -15.84
CA ALA B 315 2.85 -11.80 -16.09
C ALA B 315 4.02 -12.63 -16.61
N ILE B 316 4.27 -13.80 -15.99
CA ILE B 316 5.33 -14.68 -16.52
C ILE B 316 5.09 -14.93 -18.00
N GLY B 317 3.82 -15.15 -18.38
CA GLY B 317 3.46 -15.38 -19.77
C GLY B 317 3.74 -14.21 -20.70
N GLN B 318 3.88 -13.00 -20.17
CA GLN B 318 4.13 -11.81 -20.99
C GLN B 318 5.57 -11.30 -20.88
N LEU B 319 6.52 -12.14 -20.44
CA LEU B 319 7.89 -11.68 -20.29
C LEU B 319 8.55 -11.39 -21.64
N SER B 320 8.32 -12.25 -22.64
CA SER B 320 9.00 -12.08 -23.91
C SER B 320 8.51 -10.89 -24.70
N SER B 321 7.37 -10.30 -24.31
CA SER B 321 6.93 -9.04 -24.89
C SER B 321 7.77 -7.85 -24.43
N LEU B 322 8.55 -8.02 -23.37
CA LEU B 322 9.34 -6.95 -22.79
C LEU B 322 10.72 -6.92 -23.43
N ASP B 323 11.22 -5.72 -23.69
CA ASP B 323 12.51 -5.52 -24.34
C ASP B 323 13.62 -5.53 -23.28
N ARG B 324 14.47 -6.56 -23.32
CA ARG B 324 15.56 -6.67 -22.35
C ARG B 324 16.54 -5.51 -22.46
N ALA B 325 16.81 -5.02 -23.68
CA ALA B 325 17.72 -3.91 -23.84
C ALA B 325 17.15 -2.63 -23.22
N TYR B 326 15.82 -2.50 -23.23
CA TYR B 326 15.18 -1.36 -22.56
C TYR B 326 15.42 -1.44 -21.06
N CYS B 327 15.27 -2.64 -20.48
CA CYS B 327 15.51 -2.82 -19.05
C CYS B 327 16.90 -2.36 -18.68
N ARG B 328 17.90 -2.76 -19.47
CA ARG B 328 19.26 -2.33 -19.22
C ARG B 328 19.41 -0.82 -19.42
N ALA B 329 18.78 -0.27 -20.46
CA ALA B 329 18.86 1.17 -20.69
C ALA B 329 18.25 1.96 -19.54
N GLN B 330 17.14 1.46 -18.98
CA GLN B 330 16.55 2.11 -17.81
C GLN B 330 17.49 2.10 -16.62
N ALA B 331 18.21 1.00 -16.42
CA ALA B 331 19.16 0.94 -15.33
C ALA B 331 20.25 2.00 -15.49
N GLU B 332 20.77 2.14 -16.72
CA GLU B 332 21.82 3.13 -16.98
C GLU B 332 21.30 4.55 -16.86
N ALA B 333 20.08 4.81 -17.32
CA ALA B 333 19.56 6.17 -17.29
C ALA B 333 19.16 6.59 -15.89
N ARG B 334 18.83 5.65 -15.02
CA ARG B 334 18.24 6.00 -13.74
C ARG B 334 19.08 5.66 -12.53
N PHE B 335 19.87 4.59 -12.57
CA PHE B 335 20.45 4.07 -11.34
C PHE B 335 21.97 4.00 -11.37
N SER B 336 22.59 4.97 -12.04
CA SER B 336 24.06 5.01 -12.11
C SER B 336 24.66 5.59 -10.82
N LEU B 337 25.90 5.18 -10.52
CA LEU B 337 26.60 5.75 -9.37
C LEU B 337 26.85 7.23 -9.56
N ALA B 338 27.08 7.67 -10.80
CA ALA B 338 27.48 9.04 -11.03
C ALA B 338 26.35 9.97 -10.60
N ALA B 339 25.12 9.62 -10.95
CA ALA B 339 23.98 10.43 -10.53
C ALA B 339 23.72 10.31 -9.03
N MSE B 340 23.83 9.11 -8.46
CA MSE B 340 23.72 8.97 -7.01
C MSE B 340 24.74 9.83 -6.27
O MSE B 340 24.46 10.40 -5.21
CB MSE B 340 23.88 7.50 -6.56
CG MSE B 340 23.98 7.32 -5.03
SE MSE B 340 22.35 7.93 -4.12
CE MSE B 340 21.26 6.36 -4.51
N GLY B 341 25.96 9.93 -6.83
CA GLY B 341 26.98 10.77 -6.24
C GLY B 341 26.57 12.23 -6.20
N GLN B 342 25.92 12.70 -7.27
CA GLN B 342 25.37 14.05 -7.28
C GLN B 342 24.32 14.22 -6.20
N ARG B 343 23.40 13.26 -6.09
CA ARG B 343 22.33 13.38 -5.10
C ARG B 343 22.88 13.31 -3.69
N LEU B 344 23.89 12.46 -3.46
CA LEU B 344 24.51 12.39 -2.14
C LEU B 344 25.09 13.74 -1.72
N GLU B 345 25.78 14.42 -2.65
CA GLU B 345 26.36 15.73 -2.31
C GLU B 345 25.28 16.77 -2.08
N ALA B 346 24.20 16.77 -2.87
CA ALA B 346 23.15 17.76 -2.63
C ALA B 346 22.55 17.57 -1.25
N TRP B 347 22.57 16.33 -0.75
CA TRP B 347 22.04 16.06 0.58
C TRP B 347 23.04 16.45 1.66
N LEU B 348 24.27 15.94 1.56
CA LEU B 348 25.22 15.97 2.67
C LEU B 348 26.02 17.25 2.75
N LEU B 349 26.40 17.84 1.61
CA LEU B 349 27.20 19.06 1.67
C LEU B 349 26.50 20.20 2.40
N PRO B 350 25.19 20.44 2.25
CA PRO B 350 24.55 21.47 3.08
C PRO B 350 24.60 21.17 4.57
N LEU B 351 24.75 19.90 4.96
CA LEU B 351 24.81 19.56 6.38
C LEU B 351 26.14 19.95 7.01
N LEU B 352 27.18 20.15 6.20
CA LEU B 352 28.45 20.62 6.73
C LEU B 352 28.34 22.05 7.26
N SER B 353 27.56 22.89 6.59
CA SER B 353 27.47 24.32 6.93
C SER B 353 26.19 24.71 7.69
#